data_8F59
#
_entry.id   8F59
#
_cell.length_a   120.206
_cell.length_b   179.201
_cell.length_c   236.155
_cell.angle_alpha   90.00
_cell.angle_beta   90.00
_cell.angle_gamma   90.00
#
_symmetry.space_group_name_H-M   'I 2 2 2'
#
loop_
_entity.id
_entity.type
_entity.pdbx_description
1 polymer 'Lysine-specific histone demethylase 1A'
2 polymer 'REST corepressor 1'
3 polymer 'Zinc finger protein SNAI1'
4 non-polymer "[(2R,3S,4R,5R)-5-(6-amino-9H-purin-9-yl)-3,4-dihydroxyoxolan-2-yl]methyl (2R,3S,4S)-5-{5-[3-([1,1'-biphenyl]-4-yl)propanoyl]-7,8-dimethyl-2,4-dioxo-1,3,4,5-tetrahydrobenzo[g]pteridin-10(2H)-yl}-2,3,4-trihydroxypentyl dihydrogen diphosphate (non-preferred name)"
#
loop_
_entity_poly.entity_id
_entity_poly.type
_entity_poly.pdbx_seq_one_letter_code
_entity_poly.pdbx_strand_id
1 'polypeptide(L)'
;GSSHHHHHHSSGLVPRGSHMLSGKKAAAAAAAAAAAATGTEAGPGTAGGSENGSEVAAQPAGLSGPAEVGPGAVGERTPR
KKEPPRASPPGGLAEPPGSAGPQAGPTVVPGSATPMETGIAETPEGRRTSRRKRAKVEYREMDESLANLSEDEYYSEEER
NAKAEKEKKLPPPPPQAPPEEENESEPEEPSGVEGAAFQSRLPHDRMTSQEAACFPDIISGPQQTQKVFLFIRNRTLQLW
LDNPKIQLTFEATLQQLEAPYNSDTVLVHRVHSYLERHGLINFGIYKRIKPLPTKKTGKVIIIGSGVSGLAAARQLQSFG
MDVTLLEARDRVGGRVATFRKGNYVADLGAMVVTGLGGNPMAVVSKQVNMELAKIKQKCPLYEANGQAVPKEKDEMVEQE
FNRLLEATSYLSHQLDFNVLNNKPVSLGQALEVVIQLQEKHVKDEQIEHWKKIVKTQEELKELLNKMVNLKEKIKELHQQ
YKEASEVKPPRDITAEFLVKSKHRDLTALCKEYDELAETQGKLEEKLQELEANPPSDVYLSSRDRQILDWHFANLEFANA
TPLSTLSLKHWDQDDDFEFTGSHLTVRNGYSCVPVALAEGLDIKLNTAVRQVRYTASGCEVIAVNTRSTSQTFIYKCDAV
LCTLPLGVLKQQPPAVQFVPPLPEWKTSAVQRMGFGNLNKVVLCFDRVFWDPSVNLFGHVGSTTASRGELFLFWNLYKAP
ILLALVAGEAAGIMENISDDVIVGRCLAILKGIFGSSAVPQPKETVVSRWRADPWARGSYSYVAAGSSGNDYDLMAQPIT
PGPSIPGAPQPIPRLFFAGEHTIRNYPATVHGALLSGLREAGRIADQFLGAMYTLPRQATPGVPAQQSPSM
;
A
2 'polypeptide(L)'
;GPLGSPEFRAKRKPPKGMFLSQEDVEAVSANATAATTVLRQLDMELVSVKRQIQNIKQTNSALKEKLDGGIEPYRLPEVI
QKCNARWTTEEQLLAVQAIRKYGRDFQAISDVIGNKSVVQVKNFFVNYRRRFNIDEVLQEWEAE
;
B
3 'polypeptide(L)' PRSFLVRKP C
#
# COMPACT_ATOMS: atom_id res chain seq x y z
N PRO A 190 -18.79 -1.99 -21.27
CA PRO A 190 -19.06 -2.53 -22.62
C PRO A 190 -20.31 -1.94 -23.32
N SER A 191 -20.86 -2.73 -24.25
CA SER A 191 -21.86 -2.31 -25.23
C SER A 191 -22.73 -3.50 -25.62
N GLY A 192 -24.06 -3.31 -25.62
CA GLY A 192 -24.99 -4.30 -26.09
C GLY A 192 -25.97 -4.72 -25.01
N VAL A 193 -26.55 -5.91 -25.20
CA VAL A 193 -27.22 -6.61 -24.09
C VAL A 193 -26.23 -7.04 -23.05
N GLU A 194 -24.95 -7.16 -23.43
CA GLU A 194 -23.86 -7.68 -22.61
C GLU A 194 -23.26 -6.64 -21.65
N GLY A 195 -23.44 -5.34 -21.93
CA GLY A 195 -23.09 -4.36 -20.94
C GLY A 195 -24.24 -4.08 -20.02
N ALA A 196 -25.45 -4.48 -20.42
CA ALA A 196 -26.56 -4.45 -19.47
C ALA A 196 -26.31 -5.41 -18.32
N ALA A 197 -25.72 -6.57 -18.61
CA ALA A 197 -25.31 -7.49 -17.54
C ALA A 197 -24.16 -6.89 -16.70
N PHE A 198 -23.18 -6.29 -17.36
CA PHE A 198 -22.09 -5.67 -16.63
C PHE A 198 -22.61 -4.53 -15.75
N GLN A 199 -23.54 -3.73 -16.28
CA GLN A 199 -24.12 -2.62 -15.52
C GLN A 199 -24.99 -3.12 -14.37
N SER A 200 -25.26 -4.42 -14.32
CA SER A 200 -26.04 -5.02 -13.24
C SER A 200 -25.19 -5.96 -12.38
N ARG A 201 -23.90 -5.72 -12.41
CA ARG A 201 -22.90 -6.53 -11.67
C ARG A 201 -23.10 -8.00 -12.00
N LEU A 202 -23.43 -8.34 -13.25
CA LEU A 202 -23.67 -9.75 -13.57
C LEU A 202 -22.81 -10.21 -14.73
N PRO A 203 -22.22 -11.41 -14.67
CA PRO A 203 -21.42 -11.95 -15.75
C PRO A 203 -22.45 -12.27 -16.83
N HIS A 204 -22.23 -11.84 -18.04
CA HIS A 204 -23.22 -12.03 -19.12
C HIS A 204 -23.03 -13.34 -19.86
N ASP A 205 -22.19 -14.24 -19.40
CA ASP A 205 -22.03 -15.46 -20.22
C ASP A 205 -22.17 -16.69 -19.35
N ARG A 206 -22.59 -16.51 -18.11
CA ARG A 206 -22.85 -17.69 -17.25
C ARG A 206 -23.89 -17.32 -16.20
N MET A 207 -24.39 -18.31 -15.48
CA MET A 207 -25.45 -18.03 -14.50
C MET A 207 -24.85 -17.96 -13.11
N THR A 208 -25.34 -17.03 -12.31
CA THR A 208 -24.90 -16.78 -10.95
C THR A 208 -25.48 -17.82 -10.01
N SER A 209 -24.92 -17.86 -8.80
CA SER A 209 -25.48 -18.72 -7.78
C SER A 209 -26.93 -18.35 -7.44
N GLN A 210 -27.26 -17.05 -7.52
CA GLN A 210 -28.66 -16.62 -7.41
C GLN A 210 -29.55 -17.49 -8.30
N GLU A 211 -29.25 -17.47 -9.60
CA GLU A 211 -30.16 -17.95 -10.62
C GLU A 211 -30.20 -19.47 -10.67
N ALA A 212 -29.07 -20.12 -10.36
CA ALA A 212 -29.11 -21.55 -10.15
C ALA A 212 -30.14 -21.91 -9.08
N ALA A 213 -30.34 -21.02 -8.11
CA ALA A 213 -31.29 -21.30 -7.05
C ALA A 213 -32.73 -21.17 -7.55
N CYS A 214 -33.03 -20.12 -8.31
CA CYS A 214 -34.38 -19.91 -8.85
C CYS A 214 -34.65 -20.76 -10.09
N PHE A 215 -33.64 -21.09 -10.90
CA PHE A 215 -33.84 -21.84 -12.15
C PHE A 215 -32.96 -23.07 -12.17
N PRO A 216 -33.10 -23.98 -11.19
CA PRO A 216 -32.26 -25.18 -11.20
C PRO A 216 -32.50 -26.09 -12.37
N ASP A 217 -33.70 -26.09 -12.94
CA ASP A 217 -33.91 -26.75 -14.24
C ASP A 217 -32.92 -26.26 -15.30
N ILE A 218 -32.76 -24.94 -15.45
CA ILE A 218 -31.97 -24.40 -16.58
C ILE A 218 -30.51 -24.74 -16.42
N ILE A 219 -29.93 -24.39 -15.29
CA ILE A 219 -28.49 -24.61 -15.08
C ILE A 219 -28.13 -26.10 -15.08
N SER A 220 -29.02 -27.01 -14.70
CA SER A 220 -28.66 -28.44 -14.70
C SER A 220 -28.97 -29.03 -16.07
N GLY A 221 -29.66 -28.28 -16.91
CA GLY A 221 -30.09 -28.77 -18.22
C GLY A 221 -29.09 -28.57 -19.33
N PRO A 222 -29.54 -28.64 -20.59
CA PRO A 222 -28.66 -28.45 -21.73
C PRO A 222 -28.18 -27.01 -21.87
N GLN A 223 -26.95 -26.85 -22.39
CA GLN A 223 -26.30 -25.53 -22.52
C GLN A 223 -27.03 -24.61 -23.50
N GLN A 224 -27.77 -25.13 -24.46
CA GLN A 224 -28.44 -24.23 -25.41
C GLN A 224 -29.46 -23.39 -24.65
N THR A 225 -30.25 -24.01 -23.79
CA THR A 225 -31.30 -23.26 -23.05
C THR A 225 -30.67 -22.22 -22.14
N GLN A 226 -29.51 -22.52 -21.55
CA GLN A 226 -28.81 -21.50 -20.73
C GLN A 226 -28.62 -20.27 -21.60
N LYS A 227 -28.04 -20.44 -22.79
CA LYS A 227 -27.79 -19.31 -23.70
C LYS A 227 -29.07 -18.52 -23.94
N VAL A 228 -30.20 -19.20 -24.12
CA VAL A 228 -31.50 -18.57 -24.24
C VAL A 228 -31.69 -17.74 -22.98
N PHE A 229 -31.77 -18.41 -21.83
CA PHE A 229 -32.05 -17.75 -20.56
C PHE A 229 -31.15 -16.54 -20.33
N LEU A 230 -29.84 -16.72 -20.52
CA LEU A 230 -28.91 -15.61 -20.34
C LEU A 230 -29.28 -14.45 -21.24
N PHE A 231 -29.71 -14.74 -22.46
CA PHE A 231 -30.13 -13.66 -23.35
C PHE A 231 -31.39 -12.98 -22.85
N ILE A 232 -32.36 -13.75 -22.33
CA ILE A 232 -33.58 -13.10 -21.88
C ILE A 232 -33.26 -12.25 -20.66
N ARG A 233 -32.45 -12.81 -19.75
CA ARG A 233 -31.95 -12.10 -18.59
C ARG A 233 -31.29 -10.79 -19.02
N ASN A 234 -30.35 -10.89 -19.98
CA ASN A 234 -29.58 -9.71 -20.39
C ASN A 234 -30.46 -8.68 -21.11
N ARG A 235 -31.32 -9.12 -22.03
CA ARG A 235 -32.14 -8.18 -22.79
C ARG A 235 -33.14 -7.48 -21.89
N THR A 236 -33.69 -8.19 -20.92
CA THR A 236 -34.63 -7.57 -20.01
C THR A 236 -33.93 -6.50 -19.18
N LEU A 237 -32.76 -6.85 -18.64
CA LEU A 237 -31.97 -5.86 -17.93
C LEU A 237 -31.77 -4.64 -18.80
N GLN A 238 -31.37 -4.86 -20.06
CA GLN A 238 -31.18 -3.77 -20.99
C GLN A 238 -32.41 -2.89 -21.06
N LEU A 239 -33.56 -3.49 -21.36
CA LEU A 239 -34.80 -2.72 -21.51
C LEU A 239 -35.06 -1.84 -20.29
N TRP A 240 -34.84 -2.37 -19.08
CA TRP A 240 -35.00 -1.56 -17.88
C TRP A 240 -34.02 -0.40 -17.85
N LEU A 241 -32.74 -0.68 -18.14
CA LEU A 241 -31.69 0.32 -17.99
C LEU A 241 -31.83 1.44 -19.00
N ASP A 242 -32.33 1.14 -20.19
CA ASP A 242 -32.44 2.14 -21.25
C ASP A 242 -33.55 3.15 -20.98
N ASN A 243 -34.45 2.85 -20.05
CA ASN A 243 -35.45 3.82 -19.61
C ASN A 243 -35.89 3.41 -18.22
N PRO A 244 -35.25 3.93 -17.19
CA PRO A 244 -35.53 3.47 -15.84
C PRO A 244 -36.41 4.46 -15.10
N LYS A 245 -37.12 5.32 -15.81
CA LYS A 245 -38.13 6.14 -15.15
C LYS A 245 -39.54 5.57 -15.29
N ILE A 246 -39.69 4.41 -15.93
CA ILE A 246 -41.00 3.78 -16.12
C ILE A 246 -40.87 2.30 -15.78
N GLN A 247 -41.85 1.78 -15.03
CA GLN A 247 -41.90 0.36 -14.73
C GLN A 247 -41.79 -0.47 -16.00
N LEU A 248 -41.05 -1.57 -15.90
CA LEU A 248 -40.85 -2.49 -17.01
C LEU A 248 -41.82 -3.66 -16.83
N THR A 249 -43.01 -3.57 -17.40
CA THR A 249 -43.98 -4.67 -17.19
C THR A 249 -43.64 -5.86 -18.07
N PHE A 250 -44.03 -7.03 -17.61
CA PHE A 250 -43.78 -8.29 -18.33
C PHE A 250 -44.33 -8.20 -19.75
N GLU A 251 -45.57 -7.74 -19.89
CA GLU A 251 -46.19 -7.64 -21.22
C GLU A 251 -45.26 -6.83 -22.13
N ALA A 252 -44.88 -5.65 -21.68
CA ALA A 252 -44.00 -4.78 -22.48
C ALA A 252 -42.72 -5.53 -22.81
N THR A 253 -42.13 -6.18 -21.82
CA THR A 253 -40.88 -6.95 -22.00
C THR A 253 -41.06 -7.93 -23.15
N LEU A 254 -42.13 -8.70 -23.15
CA LEU A 254 -42.31 -9.71 -24.21
C LEU A 254 -42.36 -9.07 -25.59
N GLN A 255 -43.02 -7.93 -25.73
CA GLN A 255 -43.08 -7.26 -27.04
C GLN A 255 -41.68 -7.06 -27.63
N GLN A 256 -40.77 -6.39 -26.92
CA GLN A 256 -39.45 -6.12 -27.54
C GLN A 256 -38.71 -7.43 -27.82
N LEU A 257 -39.04 -8.48 -27.11
CA LEU A 257 -38.40 -9.75 -27.40
C LEU A 257 -38.80 -10.29 -28.77
N GLU A 258 -37.85 -10.94 -29.43
CA GLU A 258 -38.08 -11.56 -30.73
C GLU A 258 -37.77 -13.05 -30.65
N ALA A 259 -38.23 -13.77 -31.68
CA ALA A 259 -37.99 -15.19 -31.78
C ALA A 259 -36.49 -15.47 -31.91
N PRO A 260 -36.04 -16.69 -31.56
CA PRO A 260 -36.83 -17.79 -30.98
C PRO A 260 -37.06 -17.61 -29.48
N TYR A 261 -36.58 -16.47 -28.96
CA TYR A 261 -36.57 -16.24 -27.53
C TYR A 261 -37.94 -15.92 -26.97
N ASN A 262 -38.79 -15.23 -27.75
CA ASN A 262 -40.13 -14.90 -27.28
C ASN A 262 -41.14 -16.01 -27.55
N SER A 263 -40.67 -17.26 -27.66
CA SER A 263 -41.52 -18.41 -27.92
C SER A 263 -41.90 -19.19 -26.67
N ASP A 264 -41.15 -19.03 -25.57
CA ASP A 264 -41.45 -19.66 -24.29
C ASP A 264 -41.92 -18.55 -23.35
N THR A 265 -43.22 -18.31 -23.31
CA THR A 265 -43.72 -17.18 -22.55
C THR A 265 -43.49 -17.34 -21.04
N VAL A 266 -43.42 -18.58 -20.53
CA VAL A 266 -43.25 -18.71 -19.09
C VAL A 266 -41.78 -18.57 -18.70
N LEU A 267 -40.85 -19.04 -19.54
CA LEU A 267 -39.45 -18.79 -19.26
C LEU A 267 -39.21 -17.28 -19.16
N VAL A 268 -39.78 -16.51 -20.09
CA VAL A 268 -39.76 -15.05 -19.99
C VAL A 268 -40.45 -14.60 -18.71
N HIS A 269 -41.58 -15.20 -18.38
CA HIS A 269 -42.27 -14.71 -17.19
C HIS A 269 -41.45 -14.96 -15.93
N ARG A 270 -40.80 -16.12 -15.83
CA ARG A 270 -39.97 -16.37 -14.66
C ARG A 270 -38.81 -15.39 -14.57
N VAL A 271 -38.06 -15.26 -15.66
CA VAL A 271 -36.94 -14.31 -15.69
C VAL A 271 -37.40 -12.95 -15.21
N HIS A 272 -38.47 -12.43 -15.80
CA HIS A 272 -38.90 -11.08 -15.44
C HIS A 272 -39.24 -11.00 -13.97
N SER A 273 -39.94 -11.99 -13.45
CA SER A 273 -40.36 -11.92 -12.06
C SER A 273 -39.15 -12.00 -11.14
N TYR A 274 -38.24 -12.93 -11.42
CA TYR A 274 -36.98 -13.01 -10.67
C TYR A 274 -36.25 -11.66 -10.62
N LEU A 275 -36.06 -11.04 -11.77
CA LEU A 275 -35.37 -9.77 -11.82
C LEU A 275 -36.12 -8.70 -11.03
N GLU A 276 -37.44 -8.71 -11.09
CA GLU A 276 -38.19 -7.67 -10.41
C GLU A 276 -38.16 -7.90 -8.90
N ARG A 277 -38.16 -9.17 -8.50
CA ARG A 277 -38.12 -9.52 -7.08
C ARG A 277 -36.83 -9.05 -6.44
N HIS A 278 -35.71 -9.42 -7.04
CA HIS A 278 -34.41 -9.20 -6.47
C HIS A 278 -33.85 -7.84 -6.81
N GLY A 279 -34.70 -6.96 -7.33
CA GLY A 279 -34.36 -5.56 -7.41
C GLY A 279 -33.40 -5.21 -8.52
N LEU A 280 -33.29 -6.06 -9.55
CA LEU A 280 -32.41 -5.75 -10.67
C LEU A 280 -33.09 -4.86 -11.69
N ILE A 281 -34.41 -4.93 -11.78
CA ILE A 281 -35.22 -4.05 -12.60
C ILE A 281 -36.30 -3.52 -11.70
N ASN A 282 -37.01 -2.49 -12.17
CA ASN A 282 -38.10 -1.88 -11.40
C ASN A 282 -37.73 -1.74 -9.94
N PHE A 283 -36.58 -1.12 -9.72
CA PHE A 283 -36.18 -0.65 -8.40
C PHE A 283 -35.97 0.84 -8.48
N GLY A 284 -36.16 1.50 -7.36
CA GLY A 284 -35.84 2.91 -7.31
C GLY A 284 -37.04 3.82 -7.31
N ILE A 285 -37.07 4.75 -8.25
CA ILE A 285 -38.17 5.70 -8.36
C ILE A 285 -38.64 5.74 -9.80
N TYR A 286 -39.46 4.77 -10.17
CA TYR A 286 -40.08 4.68 -11.47
C TYR A 286 -41.54 5.10 -11.34
N LYS A 287 -42.09 5.60 -12.45
CA LYS A 287 -43.53 5.71 -12.58
C LYS A 287 -44.08 4.34 -12.95
N ARG A 288 -45.11 3.90 -12.22
CA ARG A 288 -45.67 2.56 -12.37
C ARG A 288 -46.86 2.65 -13.32
N ILE A 289 -46.78 1.92 -14.44
CA ILE A 289 -47.91 1.81 -15.37
C ILE A 289 -49.15 1.36 -14.62
N LYS A 290 -49.01 0.22 -13.95
CA LYS A 290 -50.10 -0.41 -13.19
C LYS A 290 -50.17 0.19 -11.79
N PRO A 291 -51.16 1.03 -11.45
CA PRO A 291 -51.25 1.63 -10.13
C PRO A 291 -51.40 0.40 -9.23
N LEU A 292 -50.48 0.25 -8.29
CA LEU A 292 -50.46 -0.96 -7.44
C LEU A 292 -51.77 -1.12 -6.70
N PRO A 293 -52.27 -2.37 -6.59
CA PRO A 293 -53.48 -2.67 -5.87
C PRO A 293 -53.39 -2.38 -4.37
N THR A 294 -54.53 -2.18 -3.74
CA THR A 294 -54.63 -1.87 -2.30
C THR A 294 -54.79 -3.15 -1.49
N LYS A 295 -54.69 -4.31 -2.13
CA LYS A 295 -54.75 -5.59 -1.40
C LYS A 295 -53.41 -5.73 -0.69
N LYS A 296 -53.27 -5.19 0.51
CA LYS A 296 -51.94 -5.27 1.15
C LYS A 296 -51.83 -6.56 1.94
N THR A 297 -50.91 -7.43 1.54
CA THR A 297 -50.72 -8.74 2.20
C THR A 297 -49.44 -8.67 3.03
N GLY A 298 -49.47 -9.07 4.30
CA GLY A 298 -48.33 -9.03 5.21
C GLY A 298 -47.95 -7.66 5.76
N LYS A 299 -47.36 -7.60 6.98
CA LYS A 299 -46.95 -6.34 7.61
C LYS A 299 -45.45 -6.34 7.99
N VAL A 300 -44.72 -5.31 7.58
CA VAL A 300 -43.28 -5.22 7.84
C VAL A 300 -42.98 -3.90 8.52
N ILE A 301 -42.25 -3.98 9.63
CA ILE A 301 -41.64 -2.82 10.29
C ILE A 301 -40.17 -2.72 9.89
N ILE A 302 -39.74 -1.56 9.39
CA ILE A 302 -38.35 -1.33 9.04
C ILE A 302 -37.73 -0.34 10.00
N ILE A 303 -36.68 -0.73 10.68
CA ILE A 303 -36.05 0.17 11.66
C ILE A 303 -34.98 0.98 10.97
N GLY A 304 -35.18 2.27 10.81
CA GLY A 304 -34.14 3.08 10.18
C GLY A 304 -34.59 3.63 8.86
N SER A 305 -34.48 4.92 8.67
CA SER A 305 -34.89 5.47 7.36
C SER A 305 -33.63 5.83 6.60
N GLY A 306 -32.66 4.93 6.61
CA GLY A 306 -31.41 5.12 5.87
C GLY A 306 -31.58 4.67 4.45
N VAL A 307 -30.54 4.72 3.65
CA VAL A 307 -30.74 4.30 2.25
C VAL A 307 -31.03 2.82 2.19
N SER A 308 -30.43 2.01 3.05
CA SER A 308 -30.79 0.58 3.04
C SER A 308 -32.27 0.49 3.37
N GLY A 309 -32.69 1.16 4.44
CA GLY A 309 -34.10 1.11 4.82
C GLY A 309 -35.02 1.57 3.72
N LEU A 310 -34.83 2.77 3.23
CA LEU A 310 -35.75 3.31 2.20
C LEU A 310 -35.78 2.41 0.99
N ALA A 311 -34.68 1.81 0.65
CA ALA A 311 -34.68 1.01 -0.58
C ALA A 311 -35.54 -0.23 -0.41
N ALA A 312 -35.47 -0.87 0.76
CA ALA A 312 -36.33 -2.00 1.02
C ALA A 312 -37.78 -1.57 1.06
N ALA A 313 -38.09 -0.57 1.91
CA ALA A 313 -39.42 0.00 1.96
C ALA A 313 -40.03 0.19 0.58
N ARG A 314 -39.33 0.91 -0.32
CA ARG A 314 -39.84 1.09 -1.67
C ARG A 314 -40.19 -0.25 -2.30
N GLN A 315 -39.30 -1.23 -2.13
CA GLN A 315 -39.45 -2.49 -2.84
C GLN A 315 -40.57 -3.33 -2.26
N LEU A 316 -40.69 -3.36 -0.94
CA LEU A 316 -41.73 -4.12 -0.28
C LEU A 316 -43.10 -3.54 -0.62
N GLN A 317 -43.29 -2.25 -0.34
CA GLN A 317 -44.49 -1.59 -0.84
C GLN A 317 -44.70 -1.84 -2.33
N SER A 318 -43.62 -1.82 -3.11
CA SER A 318 -43.75 -2.15 -4.53
C SER A 318 -44.33 -3.55 -4.73
N PHE A 319 -44.14 -4.44 -3.76
CA PHE A 319 -44.61 -5.81 -3.87
C PHE A 319 -45.94 -6.01 -3.17
N GLY A 320 -46.62 -4.91 -2.85
CA GLY A 320 -47.89 -5.01 -2.17
C GLY A 320 -47.81 -5.43 -0.72
N MET A 321 -46.75 -5.07 -0.01
CA MET A 321 -46.81 -5.26 1.43
C MET A 321 -47.16 -3.95 2.06
N ASP A 322 -47.43 -4.04 3.36
CA ASP A 322 -47.71 -2.89 4.20
C ASP A 322 -46.44 -2.61 5.00
N VAL A 323 -45.86 -1.43 4.81
CA VAL A 323 -44.51 -1.16 5.29
C VAL A 323 -44.55 0.12 6.10
N THR A 324 -43.97 0.06 7.29
CA THR A 324 -43.82 1.21 8.16
C THR A 324 -42.36 1.33 8.60
N LEU A 325 -41.82 2.54 8.44
CA LEU A 325 -40.44 2.88 8.80
C LEU A 325 -40.44 3.60 10.13
N LEU A 326 -39.59 3.16 11.04
CA LEU A 326 -39.34 3.84 12.31
C LEU A 326 -37.95 4.47 12.30
N GLU A 327 -37.93 5.78 12.46
CA GLU A 327 -36.71 6.60 12.33
C GLU A 327 -36.51 7.42 13.60
N ALA A 328 -35.33 7.37 14.19
CA ALA A 328 -35.06 8.11 15.44
C ALA A 328 -34.86 9.58 15.14
N ARG A 329 -34.32 9.90 13.98
CA ARG A 329 -34.03 11.32 13.67
C ARG A 329 -35.27 12.04 13.19
N ASP A 330 -35.15 13.33 12.95
CA ASP A 330 -36.27 14.14 12.44
C ASP A 330 -36.06 14.35 10.96
N ARG A 331 -35.29 13.49 10.32
CA ARG A 331 -35.04 13.61 8.87
C ARG A 331 -34.68 12.24 8.33
N VAL A 332 -34.81 12.05 7.03
CA VAL A 332 -34.45 10.75 6.42
C VAL A 332 -33.00 10.81 5.94
N GLY A 333 -32.45 9.68 5.51
CA GLY A 333 -31.11 9.63 4.98
C GLY A 333 -30.09 8.98 5.90
N GLY A 334 -30.27 9.13 7.19
CA GLY A 334 -29.25 8.55 8.06
C GLY A 334 -27.91 9.20 7.80
N ARG A 335 -26.96 8.38 7.40
CA ARG A 335 -25.60 8.82 7.14
C ARG A 335 -25.43 9.49 5.78
N VAL A 336 -26.53 9.78 5.09
CA VAL A 336 -26.51 10.74 3.99
C VAL A 336 -27.14 12.01 4.54
N ALA A 337 -26.30 12.83 5.20
CA ALA A 337 -26.64 14.13 5.75
C ALA A 337 -26.24 15.23 4.78
N THR A 338 -26.97 16.33 4.81
CA THR A 338 -26.70 17.47 3.96
C THR A 338 -27.07 18.73 4.74
N PHE A 339 -26.12 19.66 4.76
CA PHE A 339 -26.33 20.97 5.35
C PHE A 339 -26.94 21.88 4.29
N ARG A 340 -27.92 22.68 4.70
CA ARG A 340 -28.56 23.65 3.82
C ARG A 340 -28.92 24.88 4.65
N LYS A 341 -28.25 26.00 4.33
CA LYS A 341 -28.61 27.32 4.83
C LYS A 341 -28.40 28.27 3.67
N GLY A 342 -29.47 28.94 3.23
CA GLY A 342 -29.39 29.75 2.03
C GLY A 342 -28.92 28.96 0.83
N ASN A 343 -28.00 29.57 0.06
CA ASN A 343 -27.35 28.92 -1.08
C ASN A 343 -26.32 27.88 -0.66
N TYR A 344 -26.02 27.80 0.64
CA TYR A 344 -24.95 26.94 1.13
C TYR A 344 -25.42 25.50 1.20
N VAL A 345 -24.80 24.60 0.46
CA VAL A 345 -25.14 23.18 0.50
C VAL A 345 -23.86 22.38 0.65
N ALA A 346 -23.85 21.41 1.57
CA ALA A 346 -22.62 20.66 1.84
C ALA A 346 -22.92 19.37 2.56
N ASP A 347 -22.50 18.24 1.99
CA ASP A 347 -22.73 16.94 2.62
C ASP A 347 -21.84 16.75 3.83
N LEU A 348 -22.42 16.34 4.95
CA LEU A 348 -21.60 15.96 6.09
C LEU A 348 -21.42 14.46 6.14
N GLY A 349 -22.08 13.75 5.23
CA GLY A 349 -22.09 12.31 5.18
C GLY A 349 -21.41 11.84 3.92
N ALA A 350 -22.04 10.94 3.19
CA ALA A 350 -21.48 10.55 1.91
C ALA A 350 -21.48 11.75 0.98
N MET A 351 -20.51 11.77 0.06
CA MET A 351 -20.46 12.82 -0.95
C MET A 351 -19.87 12.35 -2.27
N VAL A 352 -19.35 11.13 -2.35
CA VAL A 352 -18.72 10.65 -3.57
C VAL A 352 -19.52 9.47 -4.11
N VAL A 353 -19.83 9.52 -5.40
CA VAL A 353 -20.38 8.39 -6.11
C VAL A 353 -19.21 7.70 -6.78
N THR A 354 -18.92 6.46 -6.41
CA THR A 354 -17.63 5.93 -6.84
C THR A 354 -17.67 5.40 -8.26
N GLY A 355 -18.19 6.19 -9.20
CA GLY A 355 -17.98 5.85 -10.60
C GLY A 355 -19.06 4.91 -11.08
N LEU A 356 -19.47 5.01 -12.34
CA LEU A 356 -20.80 4.56 -12.74
C LEU A 356 -20.82 3.23 -13.46
N GLY A 357 -19.67 2.57 -13.61
CA GLY A 357 -19.63 1.33 -14.37
C GLY A 357 -20.11 0.18 -13.53
N GLY A 358 -21.42 -0.06 -13.57
CA GLY A 358 -22.05 -1.06 -12.72
C GLY A 358 -22.58 -0.51 -11.41
N ASN A 359 -22.84 0.76 -11.34
CA ASN A 359 -23.27 1.34 -10.09
C ASN A 359 -24.77 1.49 -10.09
N PRO A 360 -25.48 0.97 -9.08
CA PRO A 360 -26.92 1.23 -8.99
C PRO A 360 -27.27 2.68 -8.87
N MET A 361 -26.36 3.54 -8.41
CA MET A 361 -26.64 4.97 -8.42
C MET A 361 -26.74 5.50 -9.85
N ALA A 362 -26.18 4.74 -10.76
CA ALA A 362 -26.26 5.13 -12.17
C ALA A 362 -27.74 5.20 -12.50
N VAL A 363 -28.46 4.15 -12.16
CA VAL A 363 -29.91 4.15 -12.43
C VAL A 363 -30.54 5.27 -11.63
N VAL A 364 -30.25 5.33 -10.35
CA VAL A 364 -30.87 6.35 -9.47
C VAL A 364 -30.61 7.75 -9.98
N SER A 365 -29.41 8.04 -10.49
CA SER A 365 -29.09 9.39 -11.00
C SER A 365 -29.97 9.77 -12.19
N LYS A 366 -30.46 8.84 -12.99
CA LYS A 366 -31.36 9.32 -14.06
C LYS A 366 -32.74 9.52 -13.45
N GLN A 367 -33.06 8.77 -12.41
CA GLN A 367 -34.41 8.88 -11.82
C GLN A 367 -34.50 10.14 -11.00
N VAL A 368 -33.37 10.67 -10.58
CA VAL A 368 -33.48 11.91 -9.75
C VAL A 368 -32.61 12.98 -10.39
N ASN A 369 -33.07 14.21 -10.37
CA ASN A 369 -32.22 15.29 -10.92
C ASN A 369 -31.02 15.39 -9.98
N MET A 370 -29.92 14.74 -10.34
CA MET A 370 -28.72 14.80 -9.47
C MET A 370 -27.65 15.48 -10.31
N GLU A 371 -26.95 16.44 -9.72
CA GLU A 371 -25.89 17.12 -10.47
C GLU A 371 -24.59 16.40 -10.13
N LEU A 372 -24.15 15.47 -10.97
CA LEU A 372 -22.91 14.73 -10.67
C LEU A 372 -21.73 15.54 -11.18
N ALA A 373 -20.73 15.74 -10.34
CA ALA A 373 -19.53 16.52 -10.73
C ALA A 373 -18.34 15.60 -10.75
N LYS A 374 -17.52 15.73 -11.77
CA LYS A 374 -16.32 14.91 -11.92
C LYS A 374 -15.23 15.40 -10.92
N ILE A 375 -14.41 14.48 -10.48
CA ILE A 375 -13.35 14.87 -9.53
C ILE A 375 -12.05 14.96 -10.31
N LYS A 376 -11.43 16.14 -10.32
CA LYS A 376 -10.16 16.29 -11.03
C LYS A 376 -9.06 15.71 -10.14
N GLN A 377 -8.21 14.84 -10.66
CA GLN A 377 -7.18 14.18 -9.82
C GLN A 377 -6.08 15.14 -9.36
N LYS A 378 -5.94 16.28 -10.01
CA LYS A 378 -4.86 17.21 -9.62
C LYS A 378 -5.02 17.58 -8.16
N CYS A 379 -4.16 17.08 -7.29
CA CYS A 379 -4.27 17.43 -5.86
C CYS A 379 -2.88 17.76 -5.32
N PRO A 380 -2.58 19.04 -5.08
CA PRO A 380 -1.29 19.44 -4.55
C PRO A 380 -1.20 19.49 -3.03
N LEU A 381 -0.14 18.91 -2.47
CA LEU A 381 0.08 18.86 -1.01
C LEU A 381 0.88 20.09 -0.61
N TYR A 382 0.49 20.78 0.45
CA TYR A 382 1.23 21.96 0.95
C TYR A 382 1.70 21.60 2.35
N GLU A 383 2.95 21.84 2.70
CA GLU A 383 3.38 21.37 4.03
C GLU A 383 3.05 22.37 5.12
N ALA A 384 3.41 21.97 6.34
CA ALA A 384 3.15 22.71 7.60
C ALA A 384 3.38 24.19 7.42
N ASN A 385 4.56 24.59 6.93
CA ASN A 385 4.84 26.03 6.75
C ASN A 385 3.77 26.66 5.86
N GLY A 386 3.40 26.00 4.75
CA GLY A 386 2.41 26.55 3.82
C GLY A 386 3.01 26.62 2.44
N GLN A 387 4.13 25.94 2.23
CA GLN A 387 4.74 26.02 0.88
C GLN A 387 4.46 24.72 0.15
N ALA A 388 3.97 24.84 -1.08
CA ALA A 388 3.63 23.68 -1.92
C ALA A 388 4.77 22.67 -1.99
N VAL A 389 4.45 21.40 -1.93
CA VAL A 389 5.55 20.41 -2.03
C VAL A 389 5.94 20.35 -3.50
N PRO A 390 7.24 20.46 -3.84
CA PRO A 390 7.67 20.43 -5.22
C PRO A 390 7.27 19.09 -5.84
N LYS A 391 6.90 19.11 -7.11
CA LYS A 391 6.45 17.89 -7.82
C LYS A 391 7.42 16.72 -7.69
N GLU A 392 8.73 16.95 -7.75
CA GLU A 392 9.70 15.84 -7.64
C GLU A 392 9.43 15.07 -6.36
N LYS A 393 9.31 15.78 -5.25
CA LYS A 393 9.06 15.09 -3.97
C LYS A 393 7.75 14.32 -4.10
N ASP A 394 6.70 15.05 -4.41
CA ASP A 394 5.31 14.53 -4.58
C ASP A 394 5.34 13.20 -5.32
N GLU A 395 5.90 13.17 -6.51
CA GLU A 395 5.91 11.87 -7.22
C GLU A 395 6.82 10.89 -6.49
N MET A 396 7.93 11.36 -5.94
CA MET A 396 8.84 10.40 -5.29
C MET A 396 8.12 9.72 -4.14
N VAL A 397 7.58 10.49 -3.22
CA VAL A 397 6.94 9.84 -2.04
C VAL A 397 5.81 8.91 -2.47
N GLU A 398 4.81 9.45 -3.18
CA GLU A 398 3.68 8.67 -3.68
C GLU A 398 4.14 7.30 -4.19
N GLN A 399 5.18 7.27 -5.02
CA GLN A 399 5.67 5.99 -5.53
C GLN A 399 6.17 5.09 -4.40
N GLU A 400 6.75 5.69 -3.37
CA GLU A 400 7.23 4.86 -2.26
C GLU A 400 6.07 4.26 -1.49
N PHE A 401 5.10 5.09 -1.12
CA PHE A 401 3.83 4.65 -0.55
C PHE A 401 3.29 3.42 -1.25
N ASN A 402 3.14 3.51 -2.57
CA ASN A 402 2.57 2.39 -3.31
C ASN A 402 3.47 1.17 -3.28
N ARG A 403 4.79 1.37 -3.22
CA ARG A 403 5.68 0.23 -3.10
C ARG A 403 5.60 -0.37 -1.71
N LEU A 404 5.39 0.50 -0.71
CA LEU A 404 5.23 0.08 0.67
C LEU A 404 3.96 -0.76 0.85
N LEU A 405 2.85 -0.37 0.21
CA LEU A 405 1.64 -1.19 0.27
C LEU A 405 1.88 -2.55 -0.35
N GLU A 406 2.32 -2.54 -1.60
CA GLU A 406 2.70 -3.76 -2.30
C GLU A 406 3.58 -4.66 -1.44
N ALA A 407 4.46 -4.05 -0.63
CA ALA A 407 5.37 -4.82 0.20
C ALA A 407 4.62 -5.60 1.29
N THR A 408 3.64 -4.97 1.92
CA THR A 408 2.83 -5.66 2.93
C THR A 408 2.07 -6.82 2.31
N SER A 409 1.57 -6.61 1.08
CA SER A 409 0.88 -7.68 0.37
C SER A 409 1.79 -8.89 0.18
N TYR A 410 3.01 -8.66 -0.33
CA TYR A 410 4.03 -9.70 -0.39
C TYR A 410 4.23 -10.31 0.99
N LEU A 411 4.39 -9.44 1.97
CA LEU A 411 4.64 -9.87 3.32
C LEU A 411 3.46 -10.69 3.87
N SER A 412 2.24 -10.42 3.39
CA SER A 412 1.06 -11.17 3.81
C SER A 412 0.93 -12.52 3.09
N HIS A 413 0.84 -12.48 1.75
CA HIS A 413 0.57 -13.69 0.97
C HIS A 413 1.79 -14.61 0.92
N GLN A 414 2.95 -14.06 0.57
CA GLN A 414 4.13 -14.88 0.29
C GLN A 414 4.80 -15.36 1.58
N LEU A 415 4.86 -14.53 2.61
CA LEU A 415 5.57 -14.89 3.83
C LEU A 415 4.64 -15.29 4.99
N ASP A 416 3.32 -15.30 4.78
CA ASP A 416 2.31 -15.67 5.78
C ASP A 416 2.55 -14.97 7.13
N PHE A 417 2.94 -13.70 7.07
CA PHE A 417 3.08 -12.89 8.30
C PHE A 417 1.70 -12.32 8.64
N ASN A 418 0.84 -13.21 9.10
CA ASN A 418 -0.55 -12.80 9.38
C ASN A 418 -0.89 -12.93 10.85
N VAL A 419 -0.02 -13.53 11.64
CA VAL A 419 -0.33 -13.63 13.08
C VAL A 419 0.95 -13.42 13.87
N LEU A 420 0.89 -12.56 14.88
CA LEU A 420 2.08 -12.27 15.71
C LEU A 420 1.67 -12.37 17.17
N ASN A 421 2.37 -13.19 17.96
CA ASN A 421 2.05 -13.36 19.40
C ASN A 421 0.57 -13.69 19.55
N ASN A 422 0.09 -14.67 18.82
CA ASN A 422 -1.32 -15.12 18.90
C ASN A 422 -2.27 -13.93 18.74
N LYS A 423 -2.04 -13.07 17.76
CA LYS A 423 -2.91 -11.90 17.53
C LYS A 423 -2.83 -11.61 16.03
N PRO A 424 -3.92 -11.30 15.35
CA PRO A 424 -3.86 -11.05 13.94
C PRO A 424 -3.05 -9.78 13.69
N VAL A 425 -2.30 -9.77 12.61
CA VAL A 425 -1.44 -8.61 12.26
C VAL A 425 -2.28 -7.57 11.56
N SER A 426 -2.04 -6.30 11.86
CA SER A 426 -2.79 -5.22 11.19
C SER A 426 -1.94 -4.62 10.08
N LEU A 427 -2.57 -3.91 9.17
CA LEU A 427 -1.85 -3.23 8.12
C LEU A 427 -0.81 -2.29 8.69
N GLY A 428 -1.17 -1.54 9.74
CA GLY A 428 -0.23 -0.60 10.32
C GLY A 428 1.01 -1.25 10.89
N GLN A 429 0.86 -2.39 11.56
CA GLN A 429 2.02 -3.16 12.00
C GLN A 429 2.90 -3.53 10.82
N ALA A 430 2.31 -4.16 9.80
CA ALA A 430 3.11 -4.63 8.66
C ALA A 430 3.83 -3.48 7.98
N LEU A 431 3.19 -2.31 7.88
CA LEU A 431 3.87 -1.15 7.33
C LEU A 431 5.10 -0.78 8.16
N GLU A 432 4.98 -0.76 9.48
CA GLU A 432 6.14 -0.47 10.29
C GLU A 432 7.23 -1.50 10.07
N VAL A 433 6.89 -2.78 10.10
CA VAL A 433 7.91 -3.78 9.85
C VAL A 433 8.57 -3.56 8.49
N VAL A 434 7.78 -3.22 7.47
CA VAL A 434 8.38 -2.98 6.16
C VAL A 434 9.27 -1.74 6.18
N ILE A 435 8.83 -0.65 6.83
CA ILE A 435 9.70 0.52 6.86
C ILE A 435 10.93 0.28 7.70
N GLN A 436 10.80 -0.43 8.82
CA GLN A 436 11.99 -0.80 9.57
C GLN A 436 12.96 -1.58 8.71
N LEU A 437 12.47 -2.54 7.92
CA LEU A 437 13.37 -3.35 7.12
C LEU A 437 13.97 -2.60 5.93
N GLN A 438 13.39 -1.47 5.53
CA GLN A 438 14.08 -0.67 4.52
C GLN A 438 15.09 0.26 5.16
N GLU A 439 14.77 0.84 6.33
CA GLU A 439 15.79 1.53 7.13
C GLU A 439 16.91 0.59 7.56
N LYS A 440 16.59 -0.69 7.80
CA LYS A 440 17.62 -1.68 8.10
C LYS A 440 18.50 -1.93 6.88
N HIS A 441 17.91 -1.94 5.69
CA HIS A 441 18.71 -2.20 4.50
C HIS A 441 19.75 -1.13 4.27
N VAL A 442 19.34 0.14 4.34
CA VAL A 442 20.22 1.29 4.20
C VAL A 442 21.49 1.11 5.03
N LYS A 443 21.32 0.77 6.31
CA LYS A 443 22.47 0.57 7.19
C LYS A 443 23.31 -0.63 6.76
N ASP A 444 22.66 -1.75 6.42
CA ASP A 444 23.40 -2.90 5.91
C ASP A 444 24.25 -2.54 4.69
N GLU A 445 23.82 -1.53 3.94
CA GLU A 445 24.36 -1.24 2.63
C GLU A 445 25.54 -0.30 2.78
N GLN A 446 25.39 0.66 3.71
CA GLN A 446 26.52 1.50 4.13
C GLN A 446 27.63 0.66 4.72
N ILE A 447 27.30 -0.19 5.70
CA ILE A 447 28.32 -1.04 6.30
C ILE A 447 29.10 -1.82 5.24
N GLU A 448 28.43 -2.49 4.27
CA GLU A 448 29.29 -3.31 3.42
C GLU A 448 30.12 -2.44 2.47
N HIS A 449 29.73 -1.18 2.28
CA HIS A 449 30.46 -0.28 1.40
C HIS A 449 31.70 0.26 2.10
N TRP A 450 31.54 0.82 3.29
CA TRP A 450 32.71 1.24 4.04
C TRP A 450 33.64 0.06 4.34
N LYS A 451 33.12 -1.16 4.48
CA LYS A 451 34.05 -2.27 4.65
C LYS A 451 34.81 -2.59 3.37
N LYS A 452 34.23 -2.32 2.19
CA LYS A 452 34.99 -2.47 0.97
C LYS A 452 36.16 -1.49 0.97
N ILE A 453 35.96 -0.31 1.56
CA ILE A 453 37.04 0.66 1.64
C ILE A 453 38.14 0.14 2.55
N VAL A 454 37.79 -0.30 3.76
CA VAL A 454 38.82 -0.85 4.61
C VAL A 454 39.45 -2.10 3.97
N LYS A 455 38.74 -2.83 3.12
CA LYS A 455 39.40 -4.02 2.56
C LYS A 455 40.61 -3.59 1.74
N THR A 456 40.49 -2.46 1.05
CA THR A 456 41.55 -1.99 0.18
C THR A 456 42.51 -1.03 0.89
N GLN A 457 42.06 -0.20 1.83
CA GLN A 457 43.00 0.53 2.69
C GLN A 457 44.02 -0.42 3.30
N GLU A 458 43.56 -1.53 3.86
CA GLU A 458 44.48 -2.50 4.42
C GLU A 458 45.26 -3.24 3.35
N GLU A 459 44.77 -3.25 2.11
CA GLU A 459 45.56 -3.84 1.04
C GLU A 459 46.68 -2.88 0.65
N LEU A 460 46.36 -1.58 0.59
CA LEU A 460 47.35 -0.52 0.44
C LEU A 460 48.39 -0.56 1.55
N LYS A 461 47.93 -0.52 2.81
CA LYS A 461 48.84 -0.57 3.96
C LYS A 461 49.91 -1.65 3.76
N GLU A 462 49.50 -2.88 3.44
CA GLU A 462 50.48 -3.93 3.21
C GLU A 462 51.37 -3.61 2.01
N LEU A 463 50.82 -2.95 1.01
CA LEU A 463 51.65 -2.58 -0.13
C LEU A 463 52.70 -1.56 0.27
N LEU A 464 52.34 -0.57 1.09
CA LEU A 464 53.31 0.47 1.37
C LEU A 464 54.39 -0.04 2.31
N ASN A 465 54.10 -1.07 3.11
CA ASN A 465 55.16 -1.72 3.87
C ASN A 465 56.16 -2.48 3.00
N LYS A 466 55.71 -3.19 1.96
CA LYS A 466 56.71 -3.71 1.04
C LYS A 466 57.53 -2.58 0.46
N MET A 467 56.88 -1.46 0.13
CA MET A 467 57.57 -0.36 -0.53
C MET A 467 58.42 0.49 0.41
N VAL A 468 57.98 0.79 1.64
CA VAL A 468 58.93 1.33 2.62
C VAL A 468 60.11 0.39 2.82
N ASN A 469 59.89 -0.91 2.88
CA ASN A 469 61.04 -1.76 3.18
C ASN A 469 61.94 -1.88 1.97
N LEU A 470 61.35 -2.05 0.80
CA LEU A 470 62.17 -2.17 -0.42
C LEU A 470 63.03 -0.93 -0.59
N LYS A 471 62.43 0.25 -0.56
CA LYS A 471 63.18 1.51 -0.73
C LYS A 471 64.32 1.57 0.29
N GLU A 472 64.08 1.25 1.55
CA GLU A 472 65.20 1.27 2.52
C GLU A 472 66.18 0.14 2.21
N LYS A 473 65.77 -0.96 1.60
CA LYS A 473 66.72 -2.03 1.25
C LYS A 473 67.49 -1.63 0.00
N ILE A 474 66.96 -0.71 -0.80
CA ILE A 474 67.68 -0.21 -1.98
C ILE A 474 68.65 0.85 -1.49
N LYS A 475 68.40 1.45 -0.34
CA LYS A 475 69.34 2.46 0.18
C LYS A 475 70.73 1.86 0.27
N GLU A 476 70.84 0.77 1.01
CA GLU A 476 72.18 0.20 1.21
C GLU A 476 72.70 -0.44 -0.07
N LEU A 477 71.82 -0.91 -0.94
CA LEU A 477 72.34 -1.54 -2.18
C LEU A 477 73.13 -0.48 -2.92
N HIS A 478 72.51 0.66 -3.16
CA HIS A 478 73.17 1.77 -3.89
C HIS A 478 74.51 2.07 -3.24
N GLN A 479 74.47 2.31 -1.94
CA GLN A 479 75.67 2.61 -1.14
C GLN A 479 76.72 1.54 -1.40
N GLN A 480 76.35 0.29 -1.29
CA GLN A 480 77.31 -0.79 -1.57
C GLN A 480 77.86 -0.63 -2.98
N TYR A 481 76.98 -0.59 -3.97
CA TYR A 481 77.44 -0.51 -5.37
C TYR A 481 78.29 0.71 -5.58
N LYS A 482 77.89 1.81 -4.99
CA LYS A 482 78.63 3.01 -5.31
C LYS A 482 80.03 2.92 -4.70
N GLU A 483 80.16 2.34 -3.48
CA GLU A 483 81.47 1.98 -2.95
C GLU A 483 82.25 1.04 -3.86
N ALA A 484 81.55 0.26 -4.67
CA ALA A 484 82.27 -0.70 -5.50
C ALA A 484 82.74 -0.08 -6.81
N SER A 485 82.06 0.96 -7.30
CA SER A 485 82.68 1.76 -8.36
C SER A 485 83.77 2.71 -7.83
N GLU A 486 83.79 2.98 -6.52
CA GLU A 486 84.84 3.85 -6.00
C GLU A 486 86.22 3.20 -6.13
N VAL A 487 86.32 1.89 -5.96
CA VAL A 487 87.57 1.16 -6.21
C VAL A 487 87.92 1.29 -7.69
N LYS A 488 88.94 2.10 -7.99
CA LYS A 488 89.31 2.40 -9.36
C LYS A 488 90.01 1.20 -9.99
N PRO A 489 89.85 1.04 -11.30
CA PRO A 489 90.59 0.03 -12.03
C PRO A 489 92.07 0.39 -12.07
N PRO A 490 92.95 -0.59 -12.27
CA PRO A 490 92.61 -1.97 -12.73
C PRO A 490 92.02 -2.80 -11.60
N ARG A 491 91.12 -3.71 -11.96
CA ARG A 491 90.39 -4.52 -10.98
C ARG A 491 90.64 -5.98 -11.28
N ASP A 492 90.89 -6.80 -10.26
CA ASP A 492 90.86 -8.23 -10.50
C ASP A 492 89.41 -8.65 -10.78
N ILE A 493 89.16 -9.92 -11.06
CA ILE A 493 87.84 -10.21 -11.61
C ILE A 493 86.77 -10.25 -10.51
N THR A 494 87.10 -10.71 -9.29
CA THR A 494 86.10 -10.72 -8.22
C THR A 494 85.61 -9.31 -7.89
N ALA A 495 86.48 -8.30 -8.05
CA ALA A 495 86.06 -6.91 -7.87
C ALA A 495 85.24 -6.39 -9.04
N GLU A 496 85.46 -6.94 -10.24
CA GLU A 496 84.61 -6.59 -11.37
C GLU A 496 83.24 -7.23 -11.23
N PHE A 497 83.23 -8.50 -10.80
CA PHE A 497 81.99 -9.22 -10.60
C PHE A 497 81.12 -8.52 -9.57
N LEU A 498 81.77 -7.90 -8.59
CA LEU A 498 81.04 -7.30 -7.50
C LEU A 498 80.36 -6.00 -7.92
N VAL A 499 81.02 -5.20 -8.74
CA VAL A 499 80.32 -4.06 -9.35
C VAL A 499 79.16 -4.57 -10.19
N LYS A 500 79.41 -5.56 -11.03
CA LYS A 500 78.39 -6.02 -11.98
C LYS A 500 77.22 -6.67 -11.27
N SER A 501 77.48 -7.48 -10.24
CA SER A 501 76.39 -8.15 -9.53
C SER A 501 75.56 -7.14 -8.74
N LYS A 502 76.20 -6.32 -7.89
CA LYS A 502 75.51 -5.21 -7.24
C LYS A 502 74.72 -4.34 -8.23
N HIS A 503 75.15 -4.28 -9.49
CA HIS A 503 74.44 -3.42 -10.44
C HIS A 503 73.18 -4.11 -10.94
N ARG A 504 73.24 -5.42 -11.12
CA ARG A 504 72.05 -6.16 -11.52
C ARG A 504 71.02 -6.11 -10.40
N ASP A 505 71.41 -6.52 -9.20
CA ASP A 505 70.44 -6.56 -8.07
C ASP A 505 69.83 -5.19 -7.85
N LEU A 506 70.46 -4.14 -8.33
CA LEU A 506 69.80 -2.85 -8.08
C LEU A 506 68.72 -2.71 -9.14
N THR A 507 69.04 -3.09 -10.37
CA THR A 507 67.98 -3.00 -11.40
C THR A 507 66.89 -3.96 -10.98
N ALA A 508 67.27 -5.19 -10.62
CA ALA A 508 66.32 -6.22 -10.15
C ALA A 508 65.43 -5.64 -9.06
N LEU A 509 66.00 -4.99 -8.05
CA LEU A 509 65.17 -4.37 -6.99
C LEU A 509 64.54 -3.08 -7.50
N CYS A 510 64.99 -2.49 -8.59
CA CYS A 510 64.30 -1.28 -9.04
C CYS A 510 63.09 -1.67 -9.87
N LYS A 511 63.07 -2.90 -10.37
CA LYS A 511 61.87 -3.35 -11.10
C LYS A 511 60.74 -3.40 -10.07
N GLU A 512 60.90 -4.28 -9.07
CA GLU A 512 59.92 -4.51 -7.99
C GLU A 512 59.34 -3.20 -7.51
N TYR A 513 60.17 -2.27 -7.08
CA TYR A 513 59.59 -0.99 -6.61
C TYR A 513 58.92 -0.25 -7.75
N ASP A 514 59.43 -0.33 -8.98
CA ASP A 514 58.74 0.41 -10.05
C ASP A 514 57.33 -0.18 -10.22
N GLU A 515 57.22 -1.51 -10.21
CA GLU A 515 55.89 -2.12 -10.42
C GLU A 515 55.02 -2.04 -9.17
N LEU A 516 55.60 -1.79 -8.00
CA LEU A 516 54.71 -1.66 -6.83
C LEU A 516 54.10 -0.27 -6.79
N ALA A 517 54.66 0.70 -7.51
CA ALA A 517 54.03 2.03 -7.54
C ALA A 517 52.91 1.98 -8.58
N GLU A 518 52.99 0.98 -9.45
CA GLU A 518 51.89 0.77 -10.42
C GLU A 518 50.70 0.35 -9.58
N THR A 519 50.88 -0.77 -8.88
CA THR A 519 49.84 -1.32 -7.99
C THR A 519 49.34 -0.24 -7.05
N GLN A 520 50.24 0.50 -6.40
CA GLN A 520 49.78 1.60 -5.51
C GLN A 520 48.89 2.57 -6.29
N GLY A 521 49.30 2.95 -7.50
CA GLY A 521 48.46 3.86 -8.31
C GLY A 521 47.15 3.21 -8.69
N LYS A 522 47.16 1.89 -8.92
CA LYS A 522 45.96 1.12 -9.30
C LYS A 522 45.01 0.92 -8.12
N LEU A 523 45.45 1.16 -6.89
CA LEU A 523 44.51 1.08 -5.74
C LEU A 523 44.31 2.49 -5.22
N GLU A 524 45.01 3.47 -5.74
CA GLU A 524 44.84 4.83 -5.16
C GLU A 524 43.59 5.50 -5.72
N GLU A 525 43.02 4.99 -6.81
CA GLU A 525 41.81 5.65 -7.36
C GLU A 525 40.60 4.79 -7.02
N LYS A 526 40.80 3.53 -6.60
CA LYS A 526 39.64 2.73 -6.13
C LYS A 526 39.10 3.49 -4.93
N LEU A 527 39.99 3.88 -4.02
CA LEU A 527 39.64 4.73 -2.86
C LEU A 527 39.06 6.08 -3.32
N GLN A 528 39.45 6.63 -4.47
CA GLN A 528 38.81 7.88 -4.92
C GLN A 528 37.43 7.51 -5.49
N GLU A 529 37.35 6.40 -6.20
CA GLU A 529 36.08 5.96 -6.81
C GLU A 529 35.08 5.69 -5.70
N LEU A 530 35.37 4.72 -4.85
CA LEU A 530 34.45 4.32 -3.76
C LEU A 530 34.06 5.52 -2.91
N GLU A 531 35.01 6.38 -2.55
CA GLU A 531 34.68 7.60 -1.76
C GLU A 531 33.60 8.41 -2.46
N ALA A 532 33.71 8.59 -3.78
CA ALA A 532 32.74 9.38 -4.58
C ALA A 532 31.58 8.53 -5.09
N ASN A 533 31.40 7.32 -4.57
CA ASN A 533 30.23 6.47 -4.95
C ASN A 533 29.59 5.96 -3.67
N PRO A 534 29.22 6.82 -2.71
CA PRO A 534 28.70 6.37 -1.45
C PRO A 534 27.22 6.12 -1.69
N PRO A 535 26.60 5.12 -1.04
CA PRO A 535 25.22 4.81 -1.27
C PRO A 535 24.33 5.67 -0.37
N SER A 536 23.02 5.50 -0.55
CA SER A 536 21.96 6.27 0.15
C SER A 536 22.27 6.50 1.62
N ASP A 537 22.17 7.76 2.02
CA ASP A 537 22.44 8.20 3.39
C ASP A 537 21.38 7.67 4.36
N VAL A 538 20.10 7.93 4.08
CA VAL A 538 18.99 7.41 4.87
C VAL A 538 17.90 6.90 3.93
N TYR A 539 16.93 6.19 4.50
CA TYR A 539 15.80 5.66 3.70
C TYR A 539 14.83 6.79 3.40
N LEU A 540 14.36 7.48 4.43
CA LEU A 540 13.41 8.59 4.20
C LEU A 540 13.75 9.72 5.14
N SER A 541 13.78 10.94 4.63
CA SER A 541 14.14 12.05 5.54
C SER A 541 12.94 12.48 6.34
N SER A 542 13.17 13.23 7.40
CA SER A 542 12.10 13.76 8.28
C SER A 542 11.07 14.48 7.41
N ARG A 543 11.51 15.36 6.53
CA ARG A 543 10.55 16.03 5.64
C ARG A 543 9.85 14.95 4.81
N ASP A 544 10.59 14.01 4.24
CA ASP A 544 9.95 12.98 3.39
C ASP A 544 8.91 12.21 4.20
N ARG A 545 9.31 11.64 5.33
CA ARG A 545 8.42 10.83 6.20
C ARG A 545 7.10 11.54 6.47
N GLN A 546 7.11 12.82 6.79
CA GLN A 546 5.84 13.55 7.00
C GLN A 546 4.97 13.40 5.77
N ILE A 547 5.52 13.64 4.59
CA ILE A 547 4.69 13.52 3.35
C ILE A 547 4.11 12.12 3.28
N LEU A 548 4.94 11.11 3.51
CA LEU A 548 4.43 9.75 3.58
C LEU A 548 3.24 9.67 4.54
N ASP A 549 3.32 10.39 5.65
CA ASP A 549 2.22 10.36 6.60
C ASP A 549 0.94 10.90 6.00
N TRP A 550 1.03 11.81 5.03
CA TRP A 550 -0.22 12.28 4.45
C TRP A 550 -0.81 11.23 3.54
N HIS A 551 0.03 10.45 2.86
CA HIS A 551 -0.50 9.36 2.07
C HIS A 551 -1.09 8.28 2.96
N PHE A 552 -0.64 8.20 4.21
CA PHE A 552 -1.29 7.30 5.17
C PHE A 552 -2.58 7.91 5.71
N ALA A 553 -2.64 9.22 5.86
CA ALA A 553 -3.90 9.85 6.22
C ALA A 553 -4.96 9.61 5.14
N ASN A 554 -4.55 9.63 3.87
CA ASN A 554 -5.50 9.34 2.81
C ASN A 554 -6.08 7.94 2.95
N LEU A 555 -5.23 6.99 3.32
CA LEU A 555 -5.65 5.60 3.45
C LEU A 555 -6.50 5.41 4.69
N GLU A 556 -6.20 6.14 5.76
CA GLU A 556 -6.99 6.10 6.97
C GLU A 556 -8.35 6.75 6.75
N PHE A 557 -8.41 7.75 5.87
CA PHE A 557 -9.67 8.37 5.50
C PHE A 557 -10.51 7.46 4.62
N ALA A 558 -9.87 6.67 3.75
CA ALA A 558 -10.63 5.75 2.92
C ALA A 558 -11.35 4.70 3.77
N ASN A 559 -10.62 4.11 4.71
CA ASN A 559 -11.14 3.07 5.57
C ASN A 559 -11.64 3.60 6.89
N ALA A 560 -11.80 4.92 7.00
CA ALA A 560 -12.26 5.59 8.22
C ALA A 560 -11.73 4.93 9.51
N THR A 561 -10.41 4.73 9.59
CA THR A 561 -9.86 4.09 10.78
C THR A 561 -8.32 4.09 10.77
N PRO A 562 -7.69 4.20 11.94
CA PRO A 562 -6.27 3.92 12.11
C PRO A 562 -5.79 2.64 11.43
N LEU A 563 -4.69 2.74 10.68
CA LEU A 563 -4.20 1.51 10.06
C LEU A 563 -3.79 0.45 11.08
N SER A 564 -3.65 0.80 12.35
CA SER A 564 -3.36 -0.27 13.30
C SER A 564 -4.55 -1.20 13.49
N THR A 565 -5.75 -0.80 13.07
CA THR A 565 -6.95 -1.61 13.27
C THR A 565 -7.33 -2.48 12.07
N LEU A 566 -6.90 -2.12 10.84
CA LEU A 566 -7.26 -2.84 9.62
C LEU A 566 -6.61 -4.22 9.55
N SER A 567 -7.37 -5.24 9.16
CA SER A 567 -6.77 -6.56 8.95
C SER A 567 -5.78 -6.47 7.81
N LEU A 568 -4.53 -6.88 8.06
CA LEU A 568 -3.61 -6.96 6.93
C LEU A 568 -4.14 -7.93 5.91
N LYS A 569 -4.55 -9.11 6.35
CA LYS A 569 -4.96 -10.12 5.40
C LYS A 569 -6.13 -9.65 4.51
N HIS A 570 -7.20 -9.10 5.11
CA HIS A 570 -8.45 -8.94 4.38
C HIS A 570 -8.83 -7.52 4.00
N TRP A 571 -8.05 -6.50 4.34
CA TRP A 571 -8.57 -5.14 4.22
C TRP A 571 -8.83 -4.76 2.77
N ASP A 572 -8.13 -5.38 1.82
CA ASP A 572 -8.32 -5.13 0.40
C ASP A 572 -8.94 -6.37 -0.25
N GLN A 573 -10.23 -6.57 0.06
CA GLN A 573 -11.06 -7.61 -0.54
C GLN A 573 -12.23 -7.05 -1.36
N ASP A 574 -12.45 -5.73 -1.36
CA ASP A 574 -13.51 -5.07 -2.13
C ASP A 574 -12.98 -4.17 -3.27
N ASP A 575 -11.69 -4.30 -3.65
CA ASP A 575 -11.11 -3.69 -4.84
C ASP A 575 -11.11 -4.67 -6.04
N ASP A 576 -11.86 -5.77 -5.90
CA ASP A 576 -12.09 -6.86 -6.81
C ASP A 576 -13.36 -6.64 -7.60
N PHE A 577 -14.27 -5.84 -7.04
CA PHE A 577 -15.58 -5.46 -7.56
C PHE A 577 -15.65 -3.95 -7.73
N GLU A 578 -14.57 -3.36 -8.23
CA GLU A 578 -14.55 -1.91 -8.42
C GLU A 578 -15.50 -1.52 -9.54
N PHE A 579 -16.03 -0.32 -9.43
CA PHE A 579 -16.85 0.24 -10.50
C PHE A 579 -15.94 0.95 -11.50
N THR A 580 -16.23 0.80 -12.78
CA THR A 580 -15.41 1.51 -13.75
C THR A 580 -15.89 2.96 -13.88
N GLY A 581 -15.03 3.81 -14.40
CA GLY A 581 -15.31 5.23 -14.51
C GLY A 581 -14.72 5.98 -13.36
N SER A 582 -14.89 7.30 -13.41
CA SER A 582 -14.24 8.15 -12.43
C SER A 582 -15.22 8.55 -11.34
N HIS A 583 -14.69 8.63 -10.13
CA HIS A 583 -15.43 9.09 -8.98
C HIS A 583 -16.04 10.46 -9.24
N LEU A 584 -17.19 10.72 -8.62
CA LEU A 584 -17.97 11.93 -8.82
C LEU A 584 -18.39 12.48 -7.46
N THR A 585 -18.90 13.68 -7.48
CA THR A 585 -19.44 14.26 -6.23
C THR A 585 -20.83 14.79 -6.53
N VAL A 586 -21.64 14.96 -5.49
CA VAL A 586 -23.02 15.45 -5.69
C VAL A 586 -23.04 16.93 -5.35
N ARG A 587 -23.31 17.75 -6.35
CA ARG A 587 -23.23 19.21 -6.19
C ARG A 587 -24.51 19.75 -5.57
N ASN A 588 -25.57 18.96 -5.48
CA ASN A 588 -26.84 19.52 -4.96
C ASN A 588 -27.15 18.95 -3.59
N GLY A 589 -26.23 18.21 -3.00
CA GLY A 589 -26.51 17.63 -1.69
C GLY A 589 -27.05 16.23 -1.84
N TYR A 590 -26.28 15.23 -1.44
CA TYR A 590 -26.69 13.83 -1.62
C TYR A 590 -28.06 13.61 -0.99
N SER A 591 -28.49 14.47 -0.07
CA SER A 591 -29.75 14.22 0.59
C SER A 591 -30.90 14.18 -0.40
N CYS A 592 -30.75 14.83 -1.55
CA CYS A 592 -31.83 14.84 -2.52
C CYS A 592 -32.27 13.42 -2.91
N VAL A 593 -31.38 12.43 -2.78
CA VAL A 593 -31.69 11.03 -3.09
C VAL A 593 -32.55 10.40 -1.98
N PRO A 594 -32.10 10.32 -0.72
CA PRO A 594 -33.00 9.85 0.34
C PRO A 594 -34.36 10.48 0.23
N VAL A 595 -34.39 11.81 0.23
CA VAL A 595 -35.65 12.52 0.20
C VAL A 595 -36.52 12.03 -0.95
N ALA A 596 -35.93 11.89 -2.13
CA ALA A 596 -36.69 11.36 -3.26
C ALA A 596 -37.24 9.97 -2.97
N LEU A 597 -36.42 9.12 -2.34
CA LEU A 597 -36.86 7.76 -2.04
C LEU A 597 -38.03 7.76 -1.08
N ALA A 598 -38.04 8.72 -0.15
CA ALA A 598 -39.04 8.78 0.92
C ALA A 598 -40.46 9.10 0.45
N GLU A 599 -40.64 9.78 -0.68
CA GLU A 599 -41.98 9.93 -1.24
C GLU A 599 -42.80 8.62 -1.28
N GLY A 600 -43.98 8.68 -0.66
CA GLY A 600 -44.95 7.63 -0.78
C GLY A 600 -44.89 6.63 0.35
N LEU A 601 -44.28 6.99 1.47
CA LEU A 601 -43.86 6.01 2.46
C LEU A 601 -44.21 6.40 3.88
N ASP A 602 -44.59 5.39 4.66
CA ASP A 602 -45.06 5.53 6.03
C ASP A 602 -43.83 5.68 6.93
N ILE A 603 -43.42 6.92 7.20
CA ILE A 603 -42.19 7.13 7.95
C ILE A 603 -42.52 7.87 9.23
N LYS A 604 -42.31 7.23 10.38
CA LYS A 604 -42.51 7.86 11.68
C LYS A 604 -41.17 8.41 12.17
N LEU A 605 -40.99 9.74 12.08
CA LEU A 605 -39.76 10.38 12.55
C LEU A 605 -39.81 10.60 14.06
N ASN A 606 -38.66 10.90 14.63
CA ASN A 606 -38.56 11.07 16.08
C ASN A 606 -39.13 9.89 16.84
N THR A 607 -38.87 8.69 16.32
CA THR A 607 -39.39 7.45 16.88
C THR A 607 -38.18 6.56 17.14
N ALA A 608 -37.74 6.50 18.38
CA ALA A 608 -36.54 5.68 18.63
C ALA A 608 -36.94 4.29 19.08
N VAL A 609 -36.53 3.27 18.35
CA VAL A 609 -36.85 1.90 18.77
C VAL A 609 -36.04 1.59 20.01
N ARG A 610 -36.61 0.89 20.97
CA ARG A 610 -35.82 0.57 22.17
C ARG A 610 -35.82 -0.92 22.39
N GLN A 611 -36.80 -1.62 21.84
CA GLN A 611 -36.84 -3.07 22.09
C GLN A 611 -37.46 -3.75 20.90
N VAL A 612 -36.90 -4.89 20.53
CA VAL A 612 -37.46 -5.67 19.39
C VAL A 612 -37.78 -7.05 19.92
N ARG A 613 -39.05 -7.41 19.86
CA ARG A 613 -39.54 -8.69 20.35
C ARG A 613 -39.99 -9.48 19.13
N TYR A 614 -39.48 -10.69 18.97
CA TYR A 614 -39.80 -11.51 17.80
C TYR A 614 -40.14 -12.91 18.29
N THR A 615 -41.26 -13.43 17.85
CA THR A 615 -41.73 -14.72 18.34
C THR A 615 -42.14 -15.58 17.17
N ALA A 616 -42.39 -16.85 17.45
CA ALA A 616 -42.80 -17.75 16.39
C ALA A 616 -44.08 -17.30 15.70
N SER A 617 -44.86 -16.39 16.30
CA SER A 617 -46.15 -15.99 15.76
C SER A 617 -46.18 -14.57 15.18
N GLY A 618 -45.10 -13.81 15.32
CA GLY A 618 -45.01 -12.46 14.78
C GLY A 618 -44.07 -11.60 15.62
N CYS A 619 -44.14 -10.29 15.44
CA CYS A 619 -43.18 -9.43 16.11
C CYS A 619 -43.85 -8.21 16.70
N GLU A 620 -43.23 -7.72 17.78
CA GLU A 620 -43.56 -6.45 18.41
C GLU A 620 -42.30 -5.59 18.42
N VAL A 621 -42.39 -4.39 17.84
CA VAL A 621 -41.36 -3.36 17.97
C VAL A 621 -41.87 -2.29 18.92
N ILE A 622 -41.06 -1.95 19.93
CA ILE A 622 -41.40 -1.00 20.98
C ILE A 622 -40.55 0.25 20.80
N ALA A 623 -41.17 1.40 20.49
CA ALA A 623 -40.45 2.66 20.28
C ALA A 623 -40.91 3.78 21.23
N VAL A 624 -40.09 4.85 21.36
CA VAL A 624 -40.48 6.02 22.15
C VAL A 624 -40.43 7.26 21.28
N ASN A 625 -40.78 8.40 21.86
CA ASN A 625 -40.69 9.68 21.13
C ASN A 625 -39.38 10.30 21.56
N THR A 626 -38.62 10.86 20.63
CA THR A 626 -37.32 11.42 21.05
C THR A 626 -37.55 12.78 21.67
N ARG A 627 -38.63 13.45 21.28
CA ARG A 627 -38.94 14.77 21.84
C ARG A 627 -39.24 14.56 23.33
N SER A 628 -40.20 13.71 23.64
CA SER A 628 -40.53 13.38 25.06
C SER A 628 -40.41 11.87 25.18
N THR A 629 -39.51 11.35 26.01
CA THR A 629 -39.28 9.88 26.07
C THR A 629 -40.33 9.11 26.90
N SER A 630 -41.39 9.74 27.36
CA SER A 630 -42.42 9.06 28.14
C SER A 630 -43.41 8.39 27.19
N GLN A 631 -43.83 9.07 26.13
CA GLN A 631 -44.79 8.48 25.16
C GLN A 631 -44.21 7.17 24.64
N THR A 632 -44.94 6.07 24.73
CA THR A 632 -44.41 4.77 24.29
C THR A 632 -45.27 4.24 23.16
N PHE A 633 -44.65 3.63 22.16
CA PHE A 633 -45.35 3.05 21.02
C PHE A 633 -45.07 1.56 20.86
N ILE A 634 -46.10 0.83 20.44
CA ILE A 634 -46.05 -0.59 20.17
C ILE A 634 -46.44 -0.82 18.72
N TYR A 635 -45.60 -1.55 17.99
CA TYR A 635 -45.84 -1.83 16.59
C TYR A 635 -45.78 -3.35 16.39
N LYS A 636 -46.81 -3.92 15.76
CA LYS A 636 -46.90 -5.36 15.59
C LYS A 636 -46.81 -5.66 14.10
N CYS A 637 -46.13 -6.76 13.77
CA CYS A 637 -45.81 -6.97 12.36
C CYS A 637 -45.41 -8.43 12.17
N ASP A 638 -45.39 -8.82 10.89
CA ASP A 638 -44.98 -10.18 10.55
C ASP A 638 -43.46 -10.34 10.56
N ALA A 639 -42.73 -9.27 10.27
CA ALA A 639 -41.27 -9.29 10.11
C ALA A 639 -40.70 -7.90 10.40
N VAL A 640 -39.54 -7.89 11.07
CA VAL A 640 -38.76 -6.67 11.30
C VAL A 640 -37.53 -6.67 10.39
N LEU A 641 -37.36 -5.58 9.63
CA LEU A 641 -36.10 -5.32 8.91
C LEU A 641 -35.28 -4.29 9.69
N CYS A 642 -34.19 -4.75 10.27
CA CYS A 642 -33.28 -3.90 11.03
C CYS A 642 -32.17 -3.35 10.14
N THR A 643 -32.10 -2.01 9.98
CA THR A 643 -30.98 -1.36 9.31
C THR A 643 -30.23 -0.47 10.29
N LEU A 644 -30.16 -0.88 11.53
CA LEU A 644 -29.48 -0.09 12.53
C LEU A 644 -28.00 -0.06 12.21
N PRO A 645 -27.34 1.09 12.29
CA PRO A 645 -25.90 1.14 12.10
C PRO A 645 -25.15 0.17 12.98
N LEU A 646 -24.04 -0.31 12.46
CA LEU A 646 -23.23 -1.29 13.16
C LEU A 646 -22.77 -0.76 14.52
N GLY A 647 -22.54 0.55 14.61
CA GLY A 647 -22.09 1.12 15.88
C GLY A 647 -23.19 1.20 16.91
N VAL A 648 -24.42 1.48 16.47
CA VAL A 648 -25.60 1.28 17.30
C VAL A 648 -25.67 -0.15 17.80
N LEU A 649 -25.58 -1.13 16.87
CA LEU A 649 -25.67 -2.54 17.26
C LEU A 649 -24.57 -2.94 18.21
N LYS A 650 -23.52 -2.12 18.30
CA LYS A 650 -22.33 -2.41 19.09
C LYS A 650 -22.41 -1.85 20.50
N GLN A 651 -23.28 -0.84 20.75
CA GLN A 651 -23.36 -0.20 22.08
C GLN A 651 -23.48 -1.23 23.19
N GLN A 652 -22.68 -1.04 24.23
CA GLN A 652 -22.89 -1.68 25.53
C GLN A 652 -22.93 -0.57 26.57
N PRO A 653 -24.02 -0.44 27.34
CA PRO A 653 -25.20 -1.31 27.31
C PRO A 653 -26.12 -0.94 26.16
N PRO A 654 -26.89 -1.92 25.71
CA PRO A 654 -27.68 -1.77 24.47
C PRO A 654 -28.50 -0.50 24.41
N ALA A 655 -28.41 0.21 23.28
CA ALA A 655 -29.45 1.15 22.94
C ALA A 655 -30.75 0.46 22.53
N VAL A 656 -30.61 -0.76 22.05
CA VAL A 656 -31.80 -1.53 21.60
C VAL A 656 -31.67 -2.94 22.11
N GLN A 657 -32.69 -3.41 22.79
CA GLN A 657 -32.66 -4.76 23.37
C GLN A 657 -33.42 -5.67 22.43
N PHE A 658 -32.93 -6.88 22.26
CA PHE A 658 -33.65 -7.84 21.39
C PHE A 658 -34.23 -8.90 22.31
N VAL A 659 -35.51 -9.21 22.11
CA VAL A 659 -36.14 -10.26 22.93
C VAL A 659 -36.67 -11.35 22.01
N PRO A 660 -36.10 -12.56 22.00
CA PRO A 660 -34.98 -12.90 22.85
C PRO A 660 -33.65 -12.42 22.29
N PRO A 661 -32.56 -12.49 23.07
CA PRO A 661 -31.30 -11.96 22.66
C PRO A 661 -30.80 -12.58 21.36
N LEU A 662 -30.06 -11.81 20.58
CA LEU A 662 -29.49 -12.32 19.33
C LEU A 662 -28.52 -13.44 19.68
N PRO A 663 -28.42 -14.49 18.86
CA PRO A 663 -27.55 -15.58 19.18
C PRO A 663 -26.07 -15.25 19.14
N GLU A 664 -25.28 -16.04 19.84
CA GLU A 664 -23.83 -15.86 19.96
C GLU A 664 -23.21 -15.62 18.59
N TRP A 665 -23.55 -16.42 17.60
CA TRP A 665 -22.91 -16.14 16.31
C TRP A 665 -23.20 -14.75 15.76
N LYS A 666 -24.37 -14.16 16.01
CA LYS A 666 -24.61 -12.81 15.49
C LYS A 666 -23.91 -11.75 16.34
N THR A 667 -23.89 -11.92 17.66
CA THR A 667 -23.24 -10.92 18.50
C THR A 667 -21.73 -10.90 18.28
N SER A 668 -21.14 -12.07 18.00
CA SER A 668 -19.69 -12.13 17.85
C SER A 668 -19.24 -11.47 16.57
N ALA A 669 -19.96 -11.70 15.47
CA ALA A 669 -19.71 -10.92 14.28
C ALA A 669 -19.79 -9.42 14.56
N VAL A 670 -20.73 -9.00 15.40
CA VAL A 670 -20.85 -7.57 15.72
C VAL A 670 -19.61 -7.06 16.48
N GLN A 671 -19.09 -7.85 17.42
CA GLN A 671 -17.89 -7.44 18.12
C GLN A 671 -16.67 -7.43 17.20
N ARG A 672 -16.54 -8.50 16.44
CA ARG A 672 -15.37 -8.69 15.56
C ARG A 672 -15.29 -7.57 14.54
N MET A 673 -16.40 -7.19 13.96
CA MET A 673 -16.34 -6.15 12.91
C MET A 673 -15.92 -4.79 13.46
N GLY A 674 -15.45 -3.95 12.58
CA GLY A 674 -15.03 -2.64 13.06
C GLY A 674 -15.94 -1.57 12.54
N PHE A 675 -16.26 -0.62 13.38
CA PHE A 675 -17.05 0.55 12.95
C PHE A 675 -16.13 1.72 13.18
N GLY A 676 -15.67 2.27 12.09
CA GLY A 676 -14.70 3.34 12.17
C GLY A 676 -15.34 4.71 12.26
N ASN A 677 -14.53 5.72 12.01
CA ASN A 677 -14.91 7.09 12.31
C ASN A 677 -14.16 8.05 11.37
N LEU A 678 -14.86 9.08 10.92
CA LEU A 678 -14.38 10.04 9.93
C LEU A 678 -15.22 11.28 10.07
N ASN A 679 -14.61 12.46 10.26
CA ASN A 679 -15.43 13.66 10.45
C ASN A 679 -15.11 14.74 9.42
N LYS A 680 -15.98 15.74 9.34
CA LYS A 680 -15.85 16.81 8.36
C LYS A 680 -16.08 18.16 9.01
N VAL A 681 -15.34 19.16 8.53
CA VAL A 681 -15.54 20.56 8.88
C VAL A 681 -15.88 21.30 7.60
N VAL A 682 -17.04 21.92 7.57
CA VAL A 682 -17.47 22.62 6.37
C VAL A 682 -17.41 24.12 6.62
N LEU A 683 -16.87 24.85 5.63
CA LEU A 683 -16.38 26.21 5.77
C LEU A 683 -17.02 27.08 4.70
N CYS A 684 -17.80 28.06 5.14
CA CYS A 684 -18.64 28.90 4.29
C CYS A 684 -18.14 30.34 4.29
N PHE A 685 -17.80 30.86 3.11
CA PHE A 685 -17.22 32.19 3.05
C PHE A 685 -18.07 33.15 2.22
N ASP A 686 -17.43 34.18 1.66
CA ASP A 686 -18.07 35.13 0.75
C ASP A 686 -17.38 35.20 -0.61
N ARG A 687 -16.18 34.65 -0.76
CA ARG A 687 -15.46 34.73 -2.02
C ARG A 687 -14.51 33.53 -2.11
N VAL A 688 -14.50 32.89 -3.27
CA VAL A 688 -13.47 31.91 -3.59
C VAL A 688 -12.10 32.59 -3.52
N PHE A 689 -11.31 32.23 -2.53
CA PHE A 689 -9.94 32.71 -2.42
C PHE A 689 -8.91 31.61 -2.66
N TRP A 690 -9.32 30.50 -3.23
CA TRP A 690 -8.46 29.35 -3.50
C TRP A 690 -8.45 29.12 -4.98
N ASP A 691 -7.69 28.14 -5.41
CA ASP A 691 -7.64 27.80 -6.81
C ASP A 691 -8.95 27.09 -7.21
N PRO A 692 -9.85 27.78 -7.92
CA PRO A 692 -11.16 27.18 -8.24
C PRO A 692 -11.09 26.07 -9.27
N SER A 693 -9.97 25.89 -9.96
CA SER A 693 -9.75 24.77 -10.86
C SER A 693 -9.13 23.57 -10.14
N VAL A 694 -9.07 23.63 -8.80
CA VAL A 694 -8.60 22.53 -7.98
C VAL A 694 -9.76 22.07 -7.11
N ASN A 695 -10.17 20.81 -7.30
CA ASN A 695 -11.23 20.27 -6.46
C ASN A 695 -10.77 20.09 -5.03
N LEU A 696 -9.51 19.69 -4.85
CA LEU A 696 -9.05 19.24 -3.55
C LEU A 696 -7.56 19.45 -3.40
N PHE A 697 -7.13 19.82 -2.19
CA PHE A 697 -5.72 20.01 -1.91
C PHE A 697 -5.39 19.58 -0.50
N GLY A 698 -4.19 19.05 -0.31
CA GLY A 698 -3.79 18.49 0.96
C GLY A 698 -3.03 19.46 1.84
N HIS A 699 -3.07 19.20 3.14
CA HIS A 699 -2.20 19.81 4.14
C HIS A 699 -1.37 18.72 4.79
N VAL A 700 -0.04 18.90 4.81
CA VAL A 700 0.84 17.91 5.39
C VAL A 700 1.09 18.27 6.84
N GLY A 701 1.00 17.30 7.71
CA GLY A 701 0.90 17.58 9.13
C GLY A 701 2.23 17.59 9.82
N SER A 702 2.26 18.25 10.97
CA SER A 702 3.44 18.25 11.83
C SER A 702 3.91 16.83 12.17
N THR A 703 3.05 16.03 12.80
CA THR A 703 3.55 14.77 13.35
C THR A 703 3.00 13.58 12.59
N THR A 704 3.31 12.39 13.11
CA THR A 704 2.61 11.19 12.73
C THR A 704 1.25 11.12 13.42
N ALA A 705 1.30 11.34 14.73
CA ALA A 705 0.12 11.25 15.60
C ALA A 705 -0.97 12.17 15.13
N SER A 706 -0.67 13.13 14.27
CA SER A 706 -1.81 13.99 13.87
C SER A 706 -1.83 14.11 12.36
N ARG A 707 -1.55 13.02 11.67
CA ARG A 707 -1.52 13.11 10.21
C ARG A 707 -2.91 13.37 9.67
N GLY A 708 -3.95 13.00 10.40
CA GLY A 708 -5.31 13.16 9.85
C GLY A 708 -5.96 14.46 10.22
N GLU A 709 -5.45 15.15 11.23
CA GLU A 709 -6.06 16.43 11.66
C GLU A 709 -6.11 17.39 10.49
N LEU A 710 -7.28 17.57 9.91
CA LEU A 710 -7.52 18.51 8.79
C LEU A 710 -6.47 18.35 7.71
N PHE A 711 -6.35 17.16 7.14
CA PHE A 711 -5.27 16.96 6.15
C PHE A 711 -5.77 17.04 4.71
N LEU A 712 -7.01 17.43 4.46
CA LEU A 712 -7.45 17.46 3.05
C LEU A 712 -8.62 18.42 2.90
N PHE A 713 -8.64 19.22 1.85
CA PHE A 713 -9.70 20.22 1.65
C PHE A 713 -10.40 19.99 0.31
N TRP A 714 -11.72 20.12 0.30
CA TRP A 714 -12.51 19.90 -0.92
C TRP A 714 -13.24 21.17 -1.32
N ASN A 715 -13.26 21.46 -2.60
CA ASN A 715 -14.01 22.62 -3.14
C ASN A 715 -14.86 22.01 -4.25
N LEU A 716 -16.16 21.78 -3.99
CA LEU A 716 -16.95 21.08 -5.02
C LEU A 716 -18.23 21.82 -5.33
N TYR A 717 -18.62 22.73 -4.45
CA TYR A 717 -19.95 23.35 -4.64
C TYR A 717 -19.85 24.70 -5.34
N LYS A 718 -21.01 25.19 -5.78
CA LYS A 718 -21.13 26.50 -6.45
C LYS A 718 -20.60 27.56 -5.51
N ALA A 719 -21.16 27.62 -4.31
CA ALA A 719 -20.79 28.65 -3.31
C ALA A 719 -19.37 28.48 -2.78
N PRO A 720 -18.84 29.49 -2.05
CA PRO A 720 -17.52 29.42 -1.53
C PRO A 720 -17.59 28.51 -0.31
N ILE A 721 -17.41 27.21 -0.53
CA ILE A 721 -17.46 26.28 0.62
C ILE A 721 -16.28 25.34 0.48
N LEU A 722 -15.52 25.20 1.55
CA LEU A 722 -14.40 24.25 1.54
C LEU A 722 -14.71 23.19 2.57
N LEU A 723 -14.47 21.94 2.23
CA LEU A 723 -14.79 20.86 3.17
C LEU A 723 -13.47 20.32 3.69
N ALA A 724 -13.30 20.20 4.99
CA ALA A 724 -12.02 19.69 5.49
C ALA A 724 -12.25 18.36 6.20
N LEU A 725 -11.46 17.34 5.87
CA LEU A 725 -11.64 16.01 6.47
C LEU A 725 -10.78 15.89 7.71
N VAL A 726 -11.21 15.09 8.66
CA VAL A 726 -10.49 14.73 9.90
C VAL A 726 -10.48 13.21 9.99
N ALA A 727 -9.34 12.58 9.68
CA ALA A 727 -9.27 11.13 9.55
C ALA A 727 -8.44 10.51 10.67
N GLY A 728 -8.31 9.20 10.62
CA GLY A 728 -7.40 8.44 11.47
C GLY A 728 -7.63 8.69 12.93
N GLU A 729 -6.57 8.57 13.72
CA GLU A 729 -6.68 8.77 15.16
C GLU A 729 -7.12 10.18 15.49
N ALA A 730 -7.01 11.11 14.55
CA ALA A 730 -7.40 12.49 14.81
C ALA A 730 -8.90 12.63 14.95
N ALA A 731 -9.66 11.83 14.18
CA ALA A 731 -11.12 11.92 14.16
C ALA A 731 -11.69 11.74 15.57
N GLY A 732 -11.34 10.64 16.21
CA GLY A 732 -11.89 10.34 17.52
C GLY A 732 -11.51 11.35 18.58
N ILE A 733 -10.46 12.11 18.34
CA ILE A 733 -9.96 13.06 19.32
C ILE A 733 -10.54 14.44 19.09
N MET A 734 -10.60 14.87 17.84
CA MET A 734 -11.16 16.17 17.55
C MET A 734 -12.62 16.31 17.92
N GLU A 735 -13.25 15.24 18.40
CA GLU A 735 -14.64 15.39 18.79
C GLU A 735 -14.78 15.96 20.19
N ASN A 736 -13.74 15.86 21.02
CA ASN A 736 -13.68 16.42 22.36
C ASN A 736 -13.21 17.87 22.36
N ILE A 737 -13.18 18.51 21.20
CA ILE A 737 -12.65 19.85 21.04
C ILE A 737 -13.72 20.71 20.37
N SER A 738 -13.95 21.91 20.92
CA SER A 738 -15.06 22.76 20.52
C SER A 738 -15.00 23.15 19.05
N ASP A 739 -16.13 23.66 18.54
CA ASP A 739 -16.22 24.03 17.13
C ASP A 739 -15.22 25.12 16.78
N ASP A 740 -15.20 26.19 17.57
CA ASP A 740 -14.41 27.37 17.22
C ASP A 740 -12.92 27.06 17.19
N VAL A 741 -12.41 26.37 18.22
CA VAL A 741 -11.04 25.87 18.18
C VAL A 741 -10.77 25.12 16.89
N ILE A 742 -11.68 24.21 16.51
CA ILE A 742 -11.48 23.43 15.30
C ILE A 742 -11.48 24.34 14.08
N VAL A 743 -12.40 25.27 14.07
CA VAL A 743 -12.39 26.21 12.93
C VAL A 743 -11.11 27.02 13.07
N GLY A 744 -10.70 27.28 14.30
CA GLY A 744 -9.47 28.04 14.55
C GLY A 744 -8.30 27.40 13.84
N ARG A 745 -8.09 26.11 14.08
CA ARG A 745 -6.94 25.45 13.43
C ARG A 745 -7.12 25.40 11.92
N CYS A 746 -8.35 25.28 11.44
CA CYS A 746 -8.52 25.26 9.97
C CYS A 746 -7.96 26.55 9.42
N LEU A 747 -8.50 27.66 9.91
CA LEU A 747 -8.13 29.02 9.45
C LEU A 747 -6.63 29.16 9.40
N ALA A 748 -5.95 28.75 10.47
CA ALA A 748 -4.49 28.81 10.55
C ALA A 748 -3.92 28.14 9.31
N ILE A 749 -4.28 26.88 9.10
CA ILE A 749 -3.79 26.09 7.94
C ILE A 749 -4.05 26.88 6.67
N LEU A 750 -5.29 27.30 6.48
CA LEU A 750 -5.67 28.08 5.29
C LEU A 750 -4.76 29.29 5.16
N LYS A 751 -4.63 30.04 6.25
CA LYS A 751 -3.81 31.28 6.24
C LYS A 751 -2.41 30.95 5.74
N GLY A 752 -1.78 29.92 6.30
CA GLY A 752 -0.44 29.53 5.85
C GLY A 752 -0.39 29.27 4.36
N ILE A 753 -1.37 28.57 3.81
CA ILE A 753 -1.30 28.24 2.37
C ILE A 753 -1.68 29.44 1.49
N PHE A 754 -2.33 30.46 2.02
CA PHE A 754 -2.76 31.51 1.06
C PHE A 754 -2.46 32.91 1.56
N GLY A 755 -1.80 33.02 2.70
CA GLY A 755 -1.50 34.35 3.22
C GLY A 755 -2.61 34.83 4.13
N SER A 756 -2.24 35.33 5.31
CA SER A 756 -3.17 35.79 6.36
C SER A 756 -4.20 36.85 5.91
N SER A 757 -3.94 37.64 4.88
CA SER A 757 -4.90 38.68 4.47
C SER A 757 -5.89 38.15 3.44
N ALA A 758 -5.66 36.96 2.90
CA ALA A 758 -6.56 36.52 1.82
C ALA A 758 -7.73 35.67 2.33
N VAL A 759 -7.74 35.36 3.62
CA VAL A 759 -8.76 34.44 4.20
C VAL A 759 -9.62 35.12 5.24
N PRO A 760 -10.89 35.42 4.95
CA PRO A 760 -11.76 36.07 5.92
C PRO A 760 -12.38 35.06 6.87
N GLN A 761 -13.08 35.50 7.91
CA GLN A 761 -13.73 34.53 8.80
C GLN A 761 -14.89 33.90 8.03
N PRO A 762 -15.23 32.63 8.32
CA PRO A 762 -16.32 31.98 7.63
C PRO A 762 -17.64 32.55 8.14
N LYS A 763 -18.63 32.67 7.26
CA LYS A 763 -19.94 33.22 7.66
C LYS A 763 -20.73 32.15 8.40
N GLU A 764 -20.59 30.90 7.97
CA GLU A 764 -21.29 29.76 8.60
C GLU A 764 -20.31 28.59 8.73
N THR A 765 -20.25 27.99 9.91
CA THR A 765 -19.36 26.85 10.18
C THR A 765 -20.14 25.71 10.82
N VAL A 766 -19.96 24.51 10.28
CA VAL A 766 -20.56 23.26 10.82
C VAL A 766 -19.47 22.22 10.88
N VAL A 767 -19.32 21.57 12.02
CA VAL A 767 -18.34 20.47 12.13
C VAL A 767 -19.17 19.29 12.59
N SER A 768 -18.99 18.11 12.01
CA SER A 768 -19.80 16.96 12.45
C SER A 768 -19.17 16.31 13.66
N ARG A 769 -19.77 15.24 14.15
CA ARG A 769 -19.21 14.52 15.30
C ARG A 769 -19.89 13.16 15.30
N TRP A 770 -19.58 12.35 14.31
CA TRP A 770 -20.25 11.06 14.04
C TRP A 770 -20.10 10.02 15.12
N ARG A 771 -18.95 9.90 15.76
CA ARG A 771 -18.90 8.82 16.76
C ARG A 771 -19.77 9.21 17.94
N ALA A 772 -20.01 10.50 18.09
CA ALA A 772 -20.86 10.95 19.17
C ALA A 772 -22.34 10.75 18.84
N ASP A 773 -22.70 10.88 17.57
CA ASP A 773 -24.10 10.74 17.17
C ASP A 773 -24.66 9.40 17.62
N PRO A 774 -25.70 9.38 18.45
CA PRO A 774 -26.16 8.10 19.02
C PRO A 774 -27.02 7.24 18.07
N TRP A 775 -27.38 7.73 16.88
CA TRP A 775 -27.99 6.95 15.81
C TRP A 775 -26.96 6.48 14.77
N ALA A 776 -25.69 6.84 14.98
CA ALA A 776 -24.60 6.34 14.16
C ALA A 776 -23.61 5.57 15.01
N ARG A 777 -22.97 6.23 15.99
CA ARG A 777 -21.87 5.68 16.80
C ARG A 777 -20.62 5.44 15.98
N GLY A 778 -20.47 6.18 14.88
CA GLY A 778 -19.38 5.95 13.95
C GLY A 778 -19.81 6.41 12.57
N SER A 779 -18.92 6.19 11.60
CA SER A 779 -19.17 6.60 10.22
C SER A 779 -19.46 5.45 9.27
N TYR A 780 -18.61 4.43 9.21
CA TYR A 780 -18.90 3.23 8.43
C TYR A 780 -17.98 2.12 8.87
N SER A 781 -18.32 0.90 8.44
CA SER A 781 -17.60 -0.27 8.87
C SER A 781 -16.30 -0.39 8.09
N TYR A 782 -15.40 -1.21 8.61
CA TYR A 782 -14.08 -1.43 8.05
C TYR A 782 -13.69 -2.83 8.45
N VAL A 783 -12.73 -3.41 7.74
CA VAL A 783 -12.47 -4.84 7.89
C VAL A 783 -11.45 -4.93 9.01
N ALA A 784 -11.93 -5.07 10.24
CA ALA A 784 -11.01 -5.02 11.37
C ALA A 784 -10.08 -6.22 11.38
N ALA A 785 -8.92 -6.04 11.99
CA ALA A 785 -8.04 -7.18 12.21
C ALA A 785 -8.77 -8.20 13.07
N GLY A 786 -8.65 -9.48 12.69
CA GLY A 786 -9.36 -10.56 13.35
C GLY A 786 -10.77 -10.76 12.85
N SER A 787 -11.27 -9.85 12.01
CA SER A 787 -12.53 -9.99 11.30
C SER A 787 -12.19 -10.48 9.89
N SER A 788 -13.21 -10.58 9.05
CA SER A 788 -13.03 -11.11 7.70
C SER A 788 -14.29 -10.82 6.93
N GLY A 789 -14.27 -11.15 5.65
CA GLY A 789 -15.46 -10.88 4.87
C GLY A 789 -16.60 -11.81 5.21
N ASN A 790 -16.31 -12.94 5.86
CA ASN A 790 -17.38 -13.83 6.22
C ASN A 790 -18.25 -13.25 7.33
N ASP A 791 -17.72 -12.34 8.13
CA ASP A 791 -18.55 -11.63 9.12
C ASP A 791 -19.63 -10.80 8.45
N TYR A 792 -19.30 -10.14 7.34
CA TYR A 792 -20.32 -9.36 6.65
C TYR A 792 -21.47 -10.26 6.18
N ASP A 793 -21.22 -11.56 6.06
CA ASP A 793 -22.26 -12.46 5.60
C ASP A 793 -23.12 -12.93 6.77
N LEU A 794 -22.46 -13.34 7.85
CA LEU A 794 -23.09 -13.43 9.15
C LEU A 794 -24.02 -12.26 9.47
N MET A 795 -23.59 -11.00 9.32
CA MET A 795 -24.55 -9.93 9.60
C MET A 795 -25.81 -10.02 8.78
N ALA A 796 -25.72 -10.52 7.55
CA ALA A 796 -26.93 -10.48 6.75
C ALA A 796 -27.86 -11.68 6.97
N GLN A 797 -27.45 -12.71 7.74
CA GLN A 797 -28.33 -13.86 7.99
C GLN A 797 -29.52 -13.44 8.86
N PRO A 798 -30.75 -13.75 8.45
CA PRO A 798 -31.90 -13.41 9.29
C PRO A 798 -31.99 -14.34 10.49
N ILE A 799 -32.71 -13.89 11.53
CA ILE A 799 -32.90 -14.65 12.76
C ILE A 799 -34.28 -15.36 12.76
N THR A 800 -34.26 -16.63 13.14
CA THR A 800 -35.47 -17.44 13.25
C THR A 800 -35.71 -17.79 14.71
N PRO A 801 -36.81 -17.33 15.31
CA PRO A 801 -37.11 -17.65 16.70
C PRO A 801 -37.44 -19.12 16.90
N GLY A 802 -37.35 -19.59 18.14
CA GLY A 802 -37.74 -20.95 18.48
C GLY A 802 -39.25 -21.15 18.42
N PRO A 803 -39.73 -22.39 18.49
CA PRO A 803 -41.18 -22.60 18.49
C PRO A 803 -41.80 -22.06 19.77
N SER A 804 -43.03 -21.52 19.63
CA SER A 804 -43.85 -21.16 20.80
C SER A 804 -44.25 -22.41 21.57
N ILE A 805 -45.07 -23.25 20.93
CA ILE A 805 -45.44 -24.59 21.39
C ILE A 805 -44.23 -25.48 21.11
N PRO A 806 -43.59 -26.09 22.12
CA PRO A 806 -42.51 -27.04 21.83
C PRO A 806 -43.00 -28.29 21.09
N GLY A 807 -42.17 -28.77 20.15
CA GLY A 807 -42.54 -29.78 19.19
C GLY A 807 -43.47 -29.31 18.09
N ALA A 808 -43.56 -28.00 17.98
CA ALA A 808 -44.33 -27.40 16.88
C ALA A 808 -43.40 -27.28 15.69
N PRO A 809 -43.91 -27.16 14.47
CA PRO A 809 -43.06 -27.10 13.31
C PRO A 809 -42.12 -25.91 13.38
N GLN A 810 -40.88 -26.14 13.00
CA GLN A 810 -39.81 -25.11 12.93
C GLN A 810 -40.38 -23.88 12.22
N PRO A 811 -40.38 -22.70 12.83
CA PRO A 811 -41.00 -21.56 12.23
C PRO A 811 -40.21 -20.84 11.13
N ILE A 812 -40.78 -19.72 10.73
CA ILE A 812 -40.24 -18.80 9.70
C ILE A 812 -39.22 -17.89 10.35
N PRO A 813 -38.44 -17.13 9.60
CA PRO A 813 -37.52 -16.19 10.16
C PRO A 813 -38.29 -14.87 10.27
N ARG A 814 -38.01 -14.08 11.30
CA ARG A 814 -38.81 -12.85 11.46
C ARG A 814 -37.94 -11.62 11.55
N LEU A 815 -36.65 -11.77 11.81
CA LEU A 815 -35.74 -10.64 12.01
C LEU A 815 -34.71 -10.60 10.88
N PHE A 816 -34.77 -9.54 10.06
CA PHE A 816 -33.94 -9.34 8.87
C PHE A 816 -33.03 -8.12 9.02
N PHE A 817 -31.89 -8.13 8.30
CA PHE A 817 -30.81 -7.15 8.47
C PHE A 817 -30.36 -6.56 7.15
N ALA A 818 -30.37 -5.23 7.05
CA ALA A 818 -29.76 -4.56 5.91
C ALA A 818 -28.92 -3.40 6.43
N GLY A 819 -28.31 -2.68 5.50
CA GLY A 819 -27.35 -1.65 5.85
C GLY A 819 -25.93 -1.98 5.36
N GLU A 820 -25.10 -0.93 5.25
CA GLU A 820 -23.79 -1.12 4.63
C GLU A 820 -22.95 -2.18 5.33
N HIS A 821 -23.13 -2.38 6.60
CA HIS A 821 -22.33 -3.40 7.27
C HIS A 821 -22.80 -4.82 6.96
N THR A 822 -23.75 -5.01 6.04
CA THR A 822 -24.34 -6.32 5.82
C THR A 822 -24.00 -6.92 4.47
N ILE A 823 -23.29 -6.18 3.62
CA ILE A 823 -23.09 -6.58 2.24
C ILE A 823 -21.59 -6.74 2.04
N ARG A 824 -21.15 -7.98 1.82
CA ARG A 824 -19.73 -8.36 1.83
C ARG A 824 -18.94 -7.66 0.72
N ASN A 825 -19.51 -7.57 -0.48
CA ASN A 825 -18.76 -7.10 -1.64
C ASN A 825 -18.78 -5.58 -1.81
N TYR A 826 -19.66 -4.84 -1.09
CA TYR A 826 -19.68 -3.40 -1.27
C TYR A 826 -19.90 -2.69 0.05
N PRO A 827 -19.15 -3.04 1.10
CA PRO A 827 -19.41 -2.43 2.40
C PRO A 827 -19.13 -0.94 2.40
N ALA A 828 -19.55 -0.29 3.48
CA ALA A 828 -19.20 1.08 3.80
C ALA A 828 -19.48 2.06 2.66
N THR A 829 -20.49 1.82 1.84
CA THR A 829 -20.84 2.77 0.79
C THR A 829 -22.34 2.98 0.75
N VAL A 830 -22.77 3.98 -0.01
CA VAL A 830 -24.19 4.13 -0.27
C VAL A 830 -24.67 3.04 -1.21
N HIS A 831 -23.99 2.84 -2.33
CA HIS A 831 -24.47 1.82 -3.24
C HIS A 831 -24.55 0.47 -2.53
N GLY A 832 -23.71 0.21 -1.54
CA GLY A 832 -23.80 -1.05 -0.83
C GLY A 832 -24.99 -1.10 0.10
N ALA A 833 -25.30 0.02 0.76
CA ALA A 833 -26.48 0.10 1.60
C ALA A 833 -27.72 -0.16 0.77
N LEU A 834 -27.84 0.58 -0.33
CA LEU A 834 -28.97 0.44 -1.22
C LEU A 834 -29.12 -1.00 -1.69
N LEU A 835 -28.03 -1.60 -2.17
CA LEU A 835 -28.16 -3.00 -2.59
C LEU A 835 -28.61 -3.89 -1.44
N SER A 836 -28.24 -3.58 -0.18
CA SER A 836 -28.63 -4.50 0.88
C SER A 836 -30.13 -4.38 1.17
N GLY A 837 -30.68 -3.17 1.09
CA GLY A 837 -32.12 -3.01 1.13
C GLY A 837 -32.84 -3.82 0.05
N LEU A 838 -32.38 -3.73 -1.19
CA LEU A 838 -33.00 -4.48 -2.27
C LEU A 838 -32.93 -5.97 -2.00
N ARG A 839 -31.79 -6.42 -1.48
CA ARG A 839 -31.61 -7.84 -1.18
C ARG A 839 -32.68 -8.31 -0.21
N GLU A 840 -32.81 -7.63 0.94
CA GLU A 840 -33.73 -8.12 1.94
C GLU A 840 -35.17 -8.03 1.48
N ALA A 841 -35.55 -6.96 0.77
CA ALA A 841 -36.92 -6.90 0.29
C ALA A 841 -37.24 -8.15 -0.53
N GLY A 842 -36.35 -8.51 -1.45
CA GLY A 842 -36.56 -9.76 -2.17
C GLY A 842 -36.63 -10.96 -1.24
N ARG A 843 -35.81 -10.98 -0.20
CA ARG A 843 -35.77 -12.16 0.66
C ARG A 843 -37.04 -12.25 1.50
N ILE A 844 -37.56 -11.10 1.88
CA ILE A 844 -38.78 -11.02 2.73
C ILE A 844 -39.99 -11.33 1.86
N ALA A 845 -40.06 -10.72 0.69
CA ALA A 845 -41.19 -10.97 -0.21
C ALA A 845 -41.26 -12.45 -0.54
N ASP A 846 -40.15 -13.08 -0.84
CA ASP A 846 -40.13 -14.52 -1.14
C ASP A 846 -40.59 -15.35 0.06
N GLN A 847 -40.34 -14.90 1.26
CA GLN A 847 -40.70 -15.72 2.43
C GLN A 847 -42.12 -15.39 2.88
N PHE A 848 -42.70 -14.29 2.42
CA PHE A 848 -44.05 -13.94 2.91
C PHE A 848 -45.05 -13.85 1.78
N LEU A 849 -44.59 -13.66 0.56
CA LEU A 849 -45.55 -13.61 -0.55
C LEU A 849 -45.37 -14.86 -1.39
N GLY A 850 -44.28 -15.57 -1.23
CA GLY A 850 -44.03 -16.79 -2.00
C GLY A 850 -43.38 -16.53 -3.33
N ALA A 851 -42.40 -17.34 -3.69
CA ALA A 851 -41.74 -17.16 -5.00
C ALA A 851 -42.46 -18.07 -6.00
N MET A 852 -43.21 -17.51 -6.93
CA MET A 852 -43.93 -18.38 -7.89
C MET A 852 -43.14 -18.48 -9.20
N TYR A 853 -41.83 -18.31 -9.13
CA TYR A 853 -40.98 -18.33 -10.31
C TYR A 853 -39.90 -19.42 -10.25
N THR A 854 -40.01 -20.38 -9.32
CA THR A 854 -38.95 -21.34 -9.04
C THR A 854 -39.31 -22.78 -9.47
N LEU A 855 -40.42 -22.98 -10.18
CA LEU A 855 -40.90 -24.32 -10.60
C LEU A 855 -40.21 -24.79 -11.92
N ARG B 12 4.98 -13.10 -6.29
CA ARG B 12 6.15 -13.99 -6.29
C ARG B 12 7.37 -13.32 -5.65
N LYS B 13 7.68 -12.10 -6.07
CA LYS B 13 8.90 -11.41 -5.60
C LYS B 13 8.56 -10.08 -4.93
N PRO B 14 9.36 -9.64 -3.97
CA PRO B 14 9.17 -8.29 -3.44
C PRO B 14 9.31 -7.28 -4.52
N PRO B 15 8.63 -6.14 -4.45
CA PRO B 15 8.84 -5.10 -5.44
C PRO B 15 10.31 -4.72 -5.42
N LYS B 16 10.84 -4.42 -6.61
CA LYS B 16 12.26 -4.14 -6.71
C LYS B 16 12.59 -2.92 -5.86
N GLY B 17 13.76 -2.97 -5.20
CA GLY B 17 14.12 -1.96 -4.21
C GLY B 17 13.44 -2.11 -2.85
N MET B 18 12.61 -3.13 -2.66
CA MET B 18 12.16 -3.54 -1.34
C MET B 18 12.89 -4.81 -0.95
N PHE B 19 13.31 -4.86 0.29
CA PHE B 19 14.12 -5.97 0.77
C PHE B 19 13.41 -6.54 1.99
N LEU B 20 13.16 -7.84 1.94
CA LEU B 20 12.13 -8.45 2.77
C LEU B 20 12.36 -9.95 2.73
N SER B 21 13.12 -10.50 3.65
CA SER B 21 13.25 -11.93 3.63
C SER B 21 12.78 -12.44 4.98
N GLN B 22 12.39 -13.71 4.97
CA GLN B 22 11.88 -14.31 6.19
C GLN B 22 12.91 -14.31 7.35
N GLU B 23 14.19 -14.40 7.05
CA GLU B 23 15.22 -14.26 8.08
C GLU B 23 15.06 -12.94 8.84
N ASP B 24 14.89 -11.81 8.12
CA ASP B 24 14.93 -10.46 8.71
C ASP B 24 13.76 -10.19 9.64
N VAL B 25 12.57 -10.24 9.02
CA VAL B 25 11.30 -9.99 9.69
C VAL B 25 11.20 -10.72 11.03
N GLU B 26 11.61 -11.99 11.08
CA GLU B 26 11.65 -12.70 12.35
C GLU B 26 12.48 -11.93 13.39
N ALA B 27 13.63 -11.39 12.98
CA ALA B 27 14.51 -10.66 13.89
C ALA B 27 13.93 -9.30 14.32
N VAL B 28 13.05 -8.71 13.51
CA VAL B 28 12.50 -7.40 13.84
C VAL B 28 11.18 -7.50 14.58
N SER B 29 10.58 -8.68 14.62
CA SER B 29 9.35 -8.93 15.36
C SER B 29 9.56 -9.72 16.65
N ALA B 30 10.81 -10.14 16.94
CA ALA B 30 11.06 -11.03 18.07
C ALA B 30 10.61 -10.43 19.40
N ASN B 31 10.62 -9.11 19.54
CA ASN B 31 9.94 -8.49 20.67
C ASN B 31 9.48 -7.11 20.24
N ALA B 32 9.10 -6.29 21.23
CA ALA B 32 8.64 -4.93 20.94
C ALA B 32 9.77 -4.06 20.41
N THR B 33 10.93 -4.09 21.07
CA THR B 33 12.07 -3.23 20.75
C THR B 33 13.13 -3.91 19.86
N ALA B 34 12.87 -5.14 19.37
CA ALA B 34 13.84 -5.84 18.53
C ALA B 34 14.19 -5.05 17.27
N ALA B 35 13.38 -4.06 16.90
CA ALA B 35 13.67 -3.22 15.75
C ALA B 35 14.76 -2.21 16.09
N THR B 36 14.46 -1.29 17.01
CA THR B 36 15.50 -0.34 17.43
C THR B 36 16.72 -1.01 18.05
N THR B 37 16.64 -2.25 18.52
CA THR B 37 17.86 -3.00 18.79
C THR B 37 18.67 -3.25 17.52
N VAL B 38 18.11 -4.02 16.60
CA VAL B 38 18.79 -4.37 15.33
C VAL B 38 19.26 -3.10 14.65
N LEU B 39 18.55 -2.00 14.84
CA LEU B 39 18.97 -0.77 14.15
C LEU B 39 19.97 0.01 14.99
N ARG B 40 20.30 -0.43 16.19
CA ARG B 40 21.25 0.41 16.94
C ARG B 40 22.66 -0.12 16.73
N GLN B 41 22.84 -1.45 16.77
CA GLN B 41 24.17 -2.07 16.54
C GLN B 41 24.71 -1.54 15.23
N LEU B 42 23.90 -1.67 14.19
CA LEU B 42 24.25 -1.17 12.85
C LEU B 42 24.73 0.27 12.98
N ASP B 43 24.05 1.15 13.72
CA ASP B 43 24.70 2.44 13.87
C ASP B 43 26.04 2.31 14.57
N MET B 44 26.07 1.53 15.65
CA MET B 44 27.29 1.41 16.43
C MET B 44 28.40 0.75 15.62
N GLU B 45 28.07 -0.31 14.87
CA GLU B 45 29.09 -0.92 14.02
C GLU B 45 29.39 -0.08 12.78
N LEU B 46 28.56 0.89 12.44
CA LEU B 46 28.93 1.78 11.35
C LEU B 46 30.04 2.74 11.79
N VAL B 47 29.80 3.40 12.90
CA VAL B 47 30.79 4.38 13.41
C VAL B 47 32.04 3.59 13.77
N SER B 48 31.86 2.36 14.19
CA SER B 48 33.03 1.54 14.56
C SER B 48 33.88 1.40 13.30
N VAL B 49 33.29 1.06 12.18
CA VAL B 49 34.13 0.91 10.98
C VAL B 49 34.56 2.28 10.47
N LYS B 50 33.78 3.31 10.70
CA LYS B 50 34.25 4.62 10.18
C LYS B 50 35.55 4.96 10.88
N ARG B 51 35.62 4.82 12.20
CA ARG B 51 36.88 5.21 12.87
C ARG B 51 38.03 4.31 12.41
N GLN B 52 37.79 3.04 12.17
CA GLN B 52 38.88 2.17 11.68
C GLN B 52 39.42 2.77 10.38
N ILE B 53 38.53 3.12 9.46
CA ILE B 53 38.94 3.74 8.17
C ILE B 53 39.83 4.92 8.48
N GLN B 54 39.38 5.83 9.33
CA GLN B 54 40.15 7.06 9.67
C GLN B 54 41.55 6.67 10.12
N ASN B 55 41.63 5.72 11.04
CA ASN B 55 42.93 5.27 11.56
C ASN B 55 43.83 4.86 10.42
N ILE B 56 43.41 3.92 9.58
CA ILE B 56 44.31 3.45 8.49
C ILE B 56 44.70 4.60 7.56
N LYS B 57 43.79 5.53 7.27
CA LYS B 57 44.17 6.68 6.42
C LYS B 57 45.35 7.39 7.07
N GLN B 58 45.27 7.67 8.37
CA GLN B 58 46.42 8.32 9.06
C GLN B 58 47.65 7.45 8.86
N THR B 59 47.57 6.20 9.29
CA THR B 59 48.68 5.23 9.15
C THR B 59 49.21 5.25 7.73
N ASN B 60 48.36 5.10 6.73
CA ASN B 60 48.91 5.10 5.35
C ASN B 60 49.48 6.47 5.00
N SER B 61 48.92 7.56 5.50
CA SER B 61 49.48 8.88 5.16
C SER B 61 50.93 8.95 5.59
N ALA B 62 51.23 8.52 6.81
CA ALA B 62 52.62 8.53 7.31
C ALA B 62 53.50 7.74 6.36
N LEU B 63 53.10 6.53 6.01
CA LEU B 63 53.90 5.68 5.10
C LEU B 63 54.22 6.41 3.81
N LYS B 64 53.24 7.09 3.22
CA LYS B 64 53.51 7.85 1.97
C LYS B 64 54.64 8.85 2.21
N GLU B 65 54.64 9.57 3.32
CA GLU B 65 55.72 10.54 3.60
C GLU B 65 57.07 9.84 3.49
N LYS B 66 57.24 8.75 4.22
CA LYS B 66 58.53 8.02 4.18
C LYS B 66 58.87 7.66 2.75
N LEU B 67 57.96 7.90 1.81
CA LEU B 67 58.26 7.51 0.41
C LEU B 67 58.51 8.77 -0.41
N ASP B 68 58.68 9.90 0.26
CA ASP B 68 58.93 11.15 -0.51
C ASP B 68 60.19 10.97 -1.34
N GLY B 69 60.10 11.29 -2.62
CA GLY B 69 61.27 11.21 -3.53
C GLY B 69 61.35 9.89 -4.23
N GLY B 70 60.58 8.91 -3.80
CA GLY B 70 60.62 7.59 -4.44
C GLY B 70 62.04 7.05 -4.41
N ILE B 71 62.50 6.54 -5.54
CA ILE B 71 63.89 6.00 -5.61
C ILE B 71 64.54 6.60 -6.84
N GLU B 72 64.47 7.92 -7.00
CA GLU B 72 65.02 8.55 -8.21
C GLU B 72 66.52 8.79 -8.05
N PRO B 73 67.03 9.08 -6.85
CA PRO B 73 68.44 9.31 -6.67
C PRO B 73 69.19 7.99 -6.69
N TYR B 74 68.51 6.91 -6.35
CA TYR B 74 69.10 5.57 -6.26
C TYR B 74 68.93 4.83 -7.58
N ARG B 75 68.50 5.50 -8.63
CA ARG B 75 68.30 4.74 -9.89
C ARG B 75 69.56 4.84 -10.74
N LEU B 76 69.76 3.90 -11.65
CA LEU B 76 70.97 3.92 -12.49
C LEU B 76 70.58 4.15 -13.95
N PRO B 77 71.51 4.59 -14.81
CA PRO B 77 71.23 4.75 -16.22
C PRO B 77 71.28 3.36 -16.85
N GLU B 78 70.51 3.15 -17.92
CA GLU B 78 70.51 1.84 -18.61
C GLU B 78 71.64 1.84 -19.62
N VAL B 79 72.36 0.73 -19.75
CA VAL B 79 73.48 0.72 -20.73
C VAL B 79 73.04 0.05 -22.02
N ILE B 80 72.86 0.85 -23.06
CA ILE B 80 72.50 0.30 -24.39
C ILE B 80 73.62 -0.67 -24.76
N GLN B 81 73.31 -1.87 -25.20
CA GLN B 81 74.47 -2.75 -25.47
C GLN B 81 74.18 -3.82 -26.52
N LYS B 82 74.94 -3.82 -27.61
CA LYS B 82 74.77 -4.89 -28.63
C LYS B 82 75.38 -6.14 -28.01
N CYS B 83 74.64 -7.24 -28.01
CA CYS B 83 75.14 -8.50 -27.42
C CYS B 83 76.23 -9.08 -28.30
N ASN B 84 77.16 -9.83 -27.70
CA ASN B 84 78.31 -10.43 -28.42
C ASN B 84 78.17 -11.96 -28.40
N ALA B 85 79.15 -12.69 -28.93
CA ALA B 85 79.05 -14.17 -28.96
C ALA B 85 80.40 -14.78 -28.63
N ARG B 86 81.45 -13.97 -28.56
CA ARG B 86 82.79 -14.50 -28.24
C ARG B 86 82.95 -14.46 -26.72
N TRP B 87 83.50 -15.51 -26.11
CA TRP B 87 83.67 -15.47 -24.65
C TRP B 87 85.12 -15.21 -24.28
N THR B 88 85.45 -13.96 -23.96
CA THR B 88 86.83 -13.65 -23.55
C THR B 88 87.02 -14.19 -22.14
N THR B 89 88.25 -14.55 -21.82
CA THR B 89 88.62 -15.09 -20.49
C THR B 89 87.95 -14.29 -19.36
N GLU B 90 88.03 -12.98 -19.41
CA GLU B 90 87.38 -12.13 -18.40
C GLU B 90 85.90 -12.51 -18.34
N GLU B 91 85.22 -12.49 -19.47
CA GLU B 91 83.76 -12.79 -19.48
C GLU B 91 83.49 -14.16 -18.88
N GLN B 92 84.24 -15.16 -19.30
CA GLN B 92 84.03 -16.50 -18.76
C GLN B 92 84.14 -16.50 -17.24
N LEU B 93 85.03 -15.66 -16.70
CA LEU B 93 85.28 -15.65 -15.27
C LEU B 93 84.14 -14.97 -14.52
N LEU B 94 83.62 -13.86 -15.07
CA LEU B 94 82.39 -13.30 -14.52
C LEU B 94 81.36 -14.39 -14.33
N ALA B 95 81.24 -15.25 -15.33
CA ALA B 95 80.15 -16.21 -15.36
C ALA B 95 80.26 -17.22 -14.23
N VAL B 96 81.41 -17.92 -14.13
CA VAL B 96 81.61 -18.87 -13.04
C VAL B 96 81.26 -18.26 -11.69
N GLN B 97 81.47 -16.96 -11.56
CA GLN B 97 81.12 -16.36 -10.26
C GLN B 97 79.63 -16.16 -10.24
N ALA B 98 79.08 -15.67 -11.35
CA ALA B 98 77.63 -15.40 -11.48
C ALA B 98 76.87 -16.66 -11.09
N ILE B 99 77.25 -17.78 -11.69
CA ILE B 99 76.65 -19.10 -11.36
C ILE B 99 76.68 -19.27 -9.86
N ARG B 100 77.83 -19.12 -9.24
CA ARG B 100 77.94 -19.33 -7.78
C ARG B 100 77.01 -18.40 -7.02
N LYS B 101 76.64 -17.29 -7.64
CA LYS B 101 75.71 -16.40 -6.94
C LYS B 101 74.32 -16.43 -7.59
N TYR B 102 74.22 -16.83 -8.86
CA TYR B 102 72.87 -16.81 -9.51
C TYR B 102 72.48 -18.19 -10.02
N GLY B 103 73.49 -19.07 -10.14
CA GLY B 103 73.28 -20.51 -10.34
C GLY B 103 72.40 -20.91 -11.51
N ARG B 104 71.09 -20.76 -11.39
CA ARG B 104 70.27 -21.15 -12.55
C ARG B 104 69.32 -20.01 -12.86
N ASP B 105 69.74 -18.78 -12.63
CA ASP B 105 68.85 -17.67 -13.01
C ASP B 105 69.47 -17.05 -14.25
N PHE B 106 69.60 -17.89 -15.26
CA PHE B 106 70.22 -17.58 -16.57
C PHE B 106 69.87 -16.15 -16.96
N GLN B 107 68.75 -15.66 -16.44
CA GLN B 107 68.40 -14.28 -16.81
C GLN B 107 69.38 -13.35 -16.10
N ALA B 108 69.46 -13.47 -14.79
CA ALA B 108 70.34 -12.60 -14.00
C ALA B 108 71.77 -12.75 -14.52
N ILE B 109 72.22 -13.99 -14.68
CA ILE B 109 73.60 -14.26 -15.17
C ILE B 109 73.88 -13.46 -16.43
N SER B 110 72.99 -13.49 -17.41
CA SER B 110 73.26 -12.65 -18.60
C SER B 110 73.25 -11.17 -18.18
N ASP B 111 72.35 -10.76 -17.30
CA ASP B 111 72.33 -9.33 -16.95
C ASP B 111 73.65 -8.96 -16.28
N VAL B 112 74.28 -9.91 -15.59
CA VAL B 112 75.55 -9.59 -14.88
C VAL B 112 76.66 -9.51 -15.90
N ILE B 113 76.76 -10.45 -16.82
CA ILE B 113 77.78 -10.26 -17.90
C ILE B 113 77.40 -9.04 -18.74
N GLY B 114 76.15 -8.97 -19.18
CA GLY B 114 75.62 -7.80 -19.91
C GLY B 114 76.10 -7.72 -21.34
N ASN B 115 76.61 -8.83 -21.85
CA ASN B 115 77.16 -8.84 -23.21
C ASN B 115 76.64 -10.07 -23.92
N LYS B 116 76.16 -11.04 -23.17
CA LYS B 116 75.70 -12.32 -23.74
C LYS B 116 74.18 -12.38 -23.82
N SER B 117 73.67 -13.45 -24.41
CA SER B 117 72.19 -13.59 -24.55
C SER B 117 71.69 -14.55 -23.50
N VAL B 118 70.38 -14.60 -23.20
CA VAL B 118 70.03 -15.55 -22.16
C VAL B 118 70.28 -16.98 -22.62
N VAL B 119 70.31 -17.19 -23.93
CA VAL B 119 70.43 -18.56 -24.48
C VAL B 119 71.89 -18.99 -24.51
N GLN B 120 72.81 -18.11 -24.92
CA GLN B 120 74.18 -18.66 -24.98
C GLN B 120 74.76 -18.88 -23.58
N VAL B 121 74.27 -18.15 -22.58
CA VAL B 121 74.60 -18.48 -21.17
C VAL B 121 74.23 -19.95 -20.99
N LYS B 122 72.98 -20.33 -21.31
CA LYS B 122 72.54 -21.74 -21.18
C LYS B 122 73.51 -22.63 -21.95
N ASN B 123 73.80 -22.27 -23.21
CA ASN B 123 74.75 -23.07 -24.03
C ASN B 123 76.05 -23.24 -23.25
N PHE B 124 76.66 -22.12 -22.89
CA PHE B 124 77.95 -22.02 -22.18
C PHE B 124 78.09 -23.10 -21.10
N PHE B 125 77.10 -23.22 -20.22
CA PHE B 125 77.06 -24.24 -19.16
C PHE B 125 77.51 -25.60 -19.70
N VAL B 126 76.89 -26.09 -20.75
CA VAL B 126 77.32 -27.47 -21.15
C VAL B 126 78.73 -27.42 -21.74
N ASN B 127 79.03 -26.41 -22.55
CA ASN B 127 80.35 -26.37 -23.21
C ASN B 127 81.48 -26.39 -22.20
N TYR B 128 81.38 -25.59 -21.16
CA TYR B 128 82.53 -25.58 -20.23
C TYR B 128 82.20 -26.39 -19.00
N ARG B 129 81.08 -27.09 -18.99
CA ARG B 129 80.58 -27.88 -17.84
C ARG B 129 81.71 -28.67 -17.20
N ARG B 130 82.41 -29.45 -17.99
CA ARG B 130 83.53 -30.25 -17.47
C ARG B 130 84.63 -29.33 -16.94
N ARG B 131 85.07 -28.39 -17.77
CA ARG B 131 86.26 -27.57 -17.46
C ARG B 131 86.06 -26.61 -16.29
N PHE B 132 84.84 -26.14 -16.07
CA PHE B 132 84.70 -25.17 -14.96
C PHE B 132 84.02 -25.81 -13.77
N ASN B 133 83.91 -27.13 -13.78
CA ASN B 133 83.29 -27.89 -12.66
C ASN B 133 81.95 -27.27 -12.27
N ILE B 134 81.07 -26.97 -13.22
CA ILE B 134 79.78 -26.29 -12.89
C ILE B 134 78.98 -27.10 -11.88
N ASP B 135 78.94 -28.41 -12.05
CA ASP B 135 78.27 -29.32 -11.09
C ASP B 135 78.71 -28.92 -9.69
N GLU B 136 80.01 -28.96 -9.44
CA GLU B 136 80.55 -28.61 -8.10
C GLU B 136 80.03 -27.24 -7.73
N VAL B 137 80.23 -26.28 -8.61
CA VAL B 137 79.80 -24.88 -8.37
C VAL B 137 78.32 -24.90 -8.00
N LEU B 138 77.51 -25.58 -8.80
CA LEU B 138 76.07 -25.53 -8.49
C LEU B 138 75.81 -26.19 -7.15
N GLN B 139 76.57 -27.23 -6.81
CA GLN B 139 76.37 -27.92 -5.51
C GLN B 139 76.54 -26.89 -4.40
N GLU B 140 77.65 -26.16 -4.42
CA GLU B 140 77.93 -25.11 -3.42
C GLU B 140 76.76 -24.14 -3.36
N TRP B 141 76.28 -23.68 -4.52
CA TRP B 141 75.13 -22.73 -4.62
C TRP B 141 73.88 -23.32 -3.98
N GLU B 142 73.67 -24.62 -4.07
CA GLU B 142 72.50 -25.26 -3.43
C GLU B 142 72.61 -25.07 -1.91
N ALA B 143 73.82 -25.18 -1.35
CA ALA B 143 73.98 -25.05 0.12
C ALA B 143 73.93 -23.59 0.60
N GLU B 144 72.77 -22.95 0.49
CA GLU B 144 72.44 -21.56 0.90
C GLU B 144 71.03 -21.28 0.40
N PRO C 1 -11.02 -0.63 -0.38
CA PRO C 1 -11.31 0.74 -0.86
C PRO C 1 -10.07 1.65 -0.79
N ARG C 2 -9.85 2.59 -1.77
CA ARG C 2 -8.74 3.56 -1.65
C ARG C 2 -8.98 4.93 -2.27
N SER C 3 -10.11 5.18 -2.94
CA SER C 3 -10.35 6.41 -3.69
C SER C 3 -9.24 6.66 -4.71
N PHE C 4 -8.78 7.89 -4.85
CA PHE C 4 -7.74 8.22 -5.86
C PHE C 4 -6.32 7.92 -5.35
#